data_4J4U
#
_entry.id   4J4U
#
_cell.length_a   111.188
_cell.length_b   155.573
_cell.length_c   97.656
_cell.angle_alpha   90.00
_cell.angle_beta   107.52
_cell.angle_gamma   90.00
#
_symmetry.space_group_name_H-M   'C 1 2 1'
#
loop_
_entity.id
_entity.type
_entity.pdbx_description
1 polymer 'Nucleocapsid protein'
2 water water
#
_entity_poly.entity_id   1
_entity_poly.type   'polypeptide(L)'
_entity_poly.pdbx_seq_one_letter_code
;SNAMSEWSRIAVEFGEQQLNLTELEDFARELAYEGLDPALIIKKLKETGGDDWVKDTKFIIVFALTRGNKIVKASGKMSN
SGSKRLMALQEKYGLVERAETRLSITPVRVAQSLPTWTCAAAAALKEYLPVGPAVMNLKVENYPPEMMCMAFGSLIPTAG
VSEATTKTLMEAYSLWQDAFTKTINVKMRGASKTEVYNSFRDPLHAAVNSVFFPNDVRVKWLKAKGILGPDGVPSRAAEV
AAAAYRNL
;
_entity_poly.pdbx_strand_id   A,B,C,D,E
#
# COMPACT_ATOMS: atom_id res chain seq x y z
N ALA A 3 -8.62 -30.34 -35.02
CA ALA A 3 -9.21 -30.64 -36.33
C ALA A 3 -8.69 -29.71 -37.41
N MET A 4 -8.76 -28.41 -37.17
CA MET A 4 -8.48 -27.41 -38.20
C MET A 4 -7.05 -27.40 -38.75
N SER A 5 -6.06 -27.51 -37.88
CA SER A 5 -4.69 -27.58 -38.33
C SER A 5 -4.08 -28.85 -37.79
N GLU A 6 -2.82 -29.08 -38.11
CA GLU A 6 -2.11 -30.21 -37.54
C GLU A 6 -1.89 -29.94 -36.05
N TRP A 7 -1.78 -28.66 -35.72
CA TRP A 7 -1.60 -28.25 -34.33
C TRP A 7 -2.89 -28.49 -33.56
N SER A 8 -4.00 -28.10 -34.15
CA SER A 8 -5.32 -28.40 -33.60
C SER A 8 -5.52 -29.91 -33.37
N ARG A 9 -5.22 -30.72 -34.37
CA ARG A 9 -5.35 -32.16 -34.20
C ARG A 9 -4.42 -32.73 -33.12
N ILE A 10 -3.19 -32.24 -33.05
CA ILE A 10 -2.27 -32.70 -32.00
C ILE A 10 -2.85 -32.45 -30.61
N ALA A 11 -3.37 -31.24 -30.37
CA ALA A 11 -4.05 -30.90 -29.10
C ALA A 11 -5.17 -31.90 -28.77
N VAL A 12 -6.01 -32.18 -29.75
CA VAL A 12 -7.11 -33.13 -29.57
C VAL A 12 -6.62 -34.54 -29.22
N GLU A 13 -5.71 -35.10 -30.02
CA GLU A 13 -5.09 -36.41 -29.75
C GLU A 13 -4.34 -36.50 -28.39
N PHE A 14 -3.57 -35.46 -28.04
CA PHE A 14 -2.95 -35.36 -26.71
C PHE A 14 -3.99 -35.53 -25.59
N GLY A 15 -5.20 -35.03 -25.85
CA GLY A 15 -6.31 -35.16 -24.93
C GLY A 15 -6.87 -36.57 -24.90
N GLU A 16 -6.84 -37.25 -26.05
CA GLU A 16 -7.35 -38.62 -26.16
C GLU A 16 -6.56 -39.63 -25.31
N GLN A 17 -5.33 -39.28 -24.95
CA GLN A 17 -4.46 -40.19 -24.21
C GLN A 17 -5.04 -40.67 -22.88
N GLN A 18 -4.45 -41.70 -22.31
CA GLN A 18 -4.94 -42.23 -21.04
C GLN A 18 -3.92 -41.93 -19.96
N LEU A 19 -4.40 -41.45 -18.82
CA LEU A 19 -3.54 -41.04 -17.73
C LEU A 19 -2.89 -42.22 -17.02
N ASN A 20 -1.60 -42.10 -16.76
CA ASN A 20 -0.86 -43.04 -15.92
C ASN A 20 -0.92 -42.50 -14.50
N LEU A 21 -1.78 -43.07 -13.67
CA LEU A 21 -2.02 -42.48 -12.35
C LEU A 21 -0.86 -42.64 -11.42
N THR A 22 -0.05 -43.67 -11.63
CA THR A 22 1.10 -43.88 -10.77
C THR A 22 2.20 -42.86 -11.03
N GLU A 23 2.40 -42.49 -12.30
CA GLU A 23 3.46 -41.53 -12.59
C GLU A 23 3.03 -40.07 -12.38
N LEU A 24 1.75 -39.77 -12.63
CA LEU A 24 1.17 -38.44 -12.36
C LEU A 24 1.32 -38.11 -10.89
N GLU A 25 1.04 -39.11 -10.06
CA GLU A 25 1.22 -39.01 -8.63
C GLU A 25 2.67 -38.67 -8.27
N ASP A 26 3.63 -39.37 -8.86
CA ASP A 26 5.05 -39.15 -8.59
C ASP A 26 5.47 -37.73 -8.91
N PHE A 27 5.06 -37.30 -10.10
CA PHE A 27 5.30 -35.95 -10.54
C PHE A 27 4.73 -34.99 -9.50
N ALA A 28 3.49 -35.27 -9.09
CA ALA A 28 2.78 -34.42 -8.16
C ALA A 28 3.57 -34.21 -6.86
N ARG A 29 4.06 -35.32 -6.30
CA ARG A 29 4.84 -35.28 -5.07
C ARG A 29 6.22 -34.69 -5.34
N GLU A 30 6.83 -35.08 -6.46
CA GLU A 30 8.10 -34.50 -6.88
C GLU A 30 8.02 -32.98 -6.85
N LEU A 31 6.92 -32.44 -7.35
CA LEU A 31 6.72 -31.00 -7.50
C LEU A 31 5.95 -30.33 -6.33
N ALA A 32 5.37 -31.14 -5.44
CA ALA A 32 4.62 -30.62 -4.30
C ALA A 32 5.45 -29.69 -3.44
N TYR A 33 4.78 -28.80 -2.70
CA TYR A 33 5.46 -27.84 -1.84
C TYR A 33 6.32 -28.58 -0.84
N GLU A 34 7.42 -27.93 -0.46
CA GLU A 34 8.34 -28.47 0.50
C GLU A 34 9.07 -27.30 1.14
N GLY A 35 9.04 -27.20 2.45
CA GLY A 35 9.63 -26.06 3.13
C GLY A 35 11.12 -26.21 3.31
N LEU A 36 11.58 -27.44 3.55
CA LEU A 36 13.00 -27.64 3.75
C LEU A 36 13.34 -29.10 3.59
N ASP A 37 14.60 -29.38 3.27
CA ASP A 37 15.17 -30.73 3.34
C ASP A 37 16.00 -30.76 4.61
N PRO A 38 15.41 -31.29 5.69
CA PRO A 38 16.05 -31.41 7.00
C PRO A 38 17.40 -32.12 6.93
N ALA A 39 17.51 -33.13 6.08
CA ALA A 39 18.75 -33.90 5.97
C ALA A 39 19.88 -33.05 5.43
N LEU A 40 19.59 -32.29 4.39
CA LEU A 40 20.58 -31.36 3.83
C LEU A 40 21.06 -30.35 4.86
N ILE A 41 20.15 -29.81 5.68
CA ILE A 41 20.56 -28.82 6.69
C ILE A 41 21.39 -29.42 7.82
N ILE A 42 20.95 -30.56 8.34
CA ILE A 42 21.75 -31.24 9.35
C ILE A 42 23.13 -31.65 8.82
N LYS A 43 23.18 -32.10 7.57
CA LYS A 43 24.45 -32.52 6.97
C LYS A 43 25.36 -31.31 6.81
N LYS A 44 24.81 -30.25 6.24
CA LYS A 44 25.55 -29.00 6.07
C LYS A 44 26.15 -28.55 7.39
N LEU A 45 25.34 -28.59 8.45
CA LEU A 45 25.75 -28.15 9.77
C LEU A 45 26.84 -29.03 10.38
N LYS A 46 26.56 -30.33 10.47
CA LYS A 46 27.50 -31.29 11.08
C LYS A 46 28.82 -31.34 10.32
N GLU A 47 28.77 -31.29 8.99
CA GLU A 47 29.99 -31.31 8.20
C GLU A 47 30.82 -30.07 8.41
N THR A 48 30.20 -28.91 8.21
CA THR A 48 30.83 -27.62 8.36
C THR A 48 31.51 -27.37 9.71
N GLY A 49 30.78 -27.54 10.80
CA GLY A 49 31.37 -27.48 12.12
C GLY A 49 31.50 -28.91 12.57
N GLY A 50 32.70 -29.34 12.89
CA GLY A 50 32.88 -30.75 13.16
C GLY A 50 32.41 -31.03 14.56
N ASP A 51 33.31 -30.80 15.51
CA ASP A 51 32.91 -30.61 16.88
C ASP A 51 32.39 -29.19 16.92
N ASP A 52 31.94 -28.75 18.10
CA ASP A 52 31.32 -27.45 18.22
C ASP A 52 30.17 -27.24 17.21
N TRP A 53 29.58 -28.29 16.67
CA TRP A 53 28.40 -28.13 15.80
C TRP A 53 27.09 -28.30 16.55
N VAL A 54 27.10 -29.08 17.63
CA VAL A 54 25.91 -29.19 18.46
C VAL A 54 25.77 -27.91 19.29
N LYS A 55 26.90 -27.45 19.83
CA LYS A 55 26.96 -26.19 20.55
C LYS A 55 26.55 -25.01 19.67
N ASP A 56 27.09 -24.97 18.46
CA ASP A 56 26.85 -23.85 17.58
C ASP A 56 25.38 -23.87 17.09
N THR A 57 24.88 -25.05 16.72
CA THR A 57 23.48 -25.22 16.25
C THR A 57 22.41 -24.77 17.23
N LYS A 58 22.54 -25.21 18.49
CA LYS A 58 21.60 -24.86 19.54
C LYS A 58 21.44 -23.37 19.61
N PHE A 59 22.58 -22.68 19.61
CA PHE A 59 22.61 -21.21 19.67
C PHE A 59 21.81 -20.61 18.53
N ILE A 60 22.04 -21.11 17.32
CA ILE A 60 21.29 -20.67 16.17
C ILE A 60 19.78 -20.85 16.41
N ILE A 61 19.41 -21.86 17.17
CA ILE A 61 18.00 -22.20 17.39
C ILE A 61 17.32 -21.26 18.37
N VAL A 62 18.02 -20.92 19.43
CA VAL A 62 17.54 -19.92 20.35
C VAL A 62 17.33 -18.57 19.65
N PHE A 63 18.29 -18.16 18.82
CA PHE A 63 18.09 -16.97 17.99
C PHE A 63 16.84 -17.06 17.10
N ALA A 64 16.71 -18.15 16.35
CA ALA A 64 15.53 -18.35 15.52
C ALA A 64 14.26 -18.26 16.35
N LEU A 65 14.30 -18.86 17.55
CA LEU A 65 13.13 -18.98 18.38
C LEU A 65 12.69 -17.61 18.88
N THR A 66 13.67 -16.83 19.32
CA THR A 66 13.41 -15.54 19.92
C THR A 66 13.45 -14.37 18.94
N ARG A 67 14.24 -14.48 17.87
CA ARG A 67 14.41 -13.32 17.00
C ARG A 67 14.00 -13.49 15.54
N GLY A 68 13.88 -14.71 15.07
CA GLY A 68 13.48 -14.92 13.69
C GLY A 68 14.66 -15.13 12.75
N ASN A 69 14.52 -14.71 11.51
CA ASN A 69 15.56 -14.91 10.50
C ASN A 69 16.43 -13.71 10.24
N LYS A 70 15.99 -12.54 10.72
CA LYS A 70 16.58 -11.25 10.35
C LYS A 70 17.84 -10.94 11.15
N ILE A 71 18.92 -11.63 10.76
CA ILE A 71 20.23 -11.62 11.39
C ILE A 71 20.83 -10.21 11.57
N VAL A 72 20.80 -9.42 10.51
CA VAL A 72 21.53 -8.16 10.52
C VAL A 72 20.84 -7.11 11.37
N LYS A 73 19.54 -6.92 11.16
CA LYS A 73 18.73 -6.01 11.99
C LYS A 73 18.81 -6.41 13.46
N ALA A 74 18.81 -7.72 13.71
CA ALA A 74 18.87 -8.27 15.05
C ALA A 74 20.22 -8.03 15.71
N SER A 75 21.29 -8.23 14.93
CA SER A 75 22.65 -8.11 15.46
C SER A 75 22.89 -6.72 15.99
N GLY A 76 22.16 -5.76 15.44
CA GLY A 76 22.26 -4.38 15.85
C GLY A 76 21.44 -4.07 17.07
N LYS A 77 20.49 -4.93 17.39
CA LYS A 77 19.60 -4.72 18.53
C LYS A 77 19.78 -5.81 19.59
N MET A 78 21.02 -6.14 19.91
CA MET A 78 21.28 -7.12 20.97
C MET A 78 22.57 -6.81 21.71
N SER A 79 22.81 -7.55 22.79
CA SER A 79 24.05 -7.46 23.54
C SER A 79 25.23 -7.69 22.60
N ASN A 80 26.41 -7.27 23.06
CA ASN A 80 27.58 -7.31 22.21
C ASN A 80 28.09 -8.73 21.98
N SER A 81 28.06 -9.55 23.03
CA SER A 81 28.58 -10.91 22.89
C SER A 81 27.65 -11.72 21.96
N GLY A 82 26.35 -11.61 22.17
CA GLY A 82 25.37 -12.24 21.31
C GLY A 82 25.46 -11.79 19.86
N SER A 83 25.74 -10.51 19.66
CA SER A 83 25.89 -10.01 18.30
C SER A 83 27.13 -10.62 17.72
N LYS A 84 28.18 -10.66 18.54
CA LYS A 84 29.48 -11.06 18.05
C LYS A 84 29.41 -12.50 17.60
N ARG A 85 28.93 -13.37 18.49
CA ARG A 85 28.83 -14.78 18.15
C ARG A 85 27.87 -15.07 17.01
N LEU A 86 26.74 -14.38 16.98
CA LEU A 86 25.75 -14.60 15.94
C LEU A 86 26.37 -14.39 14.57
N MET A 87 27.03 -13.26 14.41
CA MET A 87 27.62 -12.90 13.12
C MET A 87 28.78 -13.83 12.75
N ALA A 88 29.45 -14.36 13.77
CA ALA A 88 30.54 -15.31 13.56
C ALA A 88 30.02 -16.60 12.96
N LEU A 89 28.92 -17.09 13.53
CA LEU A 89 28.23 -18.28 13.06
C LEU A 89 27.63 -18.07 11.67
N GLN A 90 27.21 -16.86 11.36
CA GLN A 90 26.67 -16.61 10.05
C GLN A 90 27.76 -16.76 8.98
N GLU A 91 28.91 -16.12 9.20
CA GLU A 91 30.06 -16.31 8.33
C GLU A 91 30.41 -17.81 8.27
N LYS A 92 30.41 -18.45 9.41
CA LYS A 92 30.87 -19.84 9.49
C LYS A 92 29.96 -20.85 8.78
N TYR A 93 28.64 -20.64 8.82
CA TYR A 93 27.73 -21.59 8.18
C TYR A 93 27.09 -21.03 6.91
N GLY A 94 27.36 -19.77 6.59
CA GLY A 94 26.68 -19.11 5.48
C GLY A 94 25.18 -19.01 5.73
N LEU A 95 24.83 -18.55 6.93
CA LEU A 95 23.46 -18.31 7.31
C LEU A 95 22.87 -17.19 6.45
N VAL A 96 21.67 -17.41 5.95
CA VAL A 96 20.97 -16.35 5.25
C VAL A 96 19.68 -15.97 5.98
N GLU A 97 19.09 -14.84 5.59
CA GLU A 97 17.90 -14.36 6.27
C GLU A 97 16.59 -14.70 5.55
N ARG A 98 16.69 -15.42 4.44
CA ARG A 98 15.52 -15.71 3.65
C ARG A 98 15.77 -16.97 2.84
N ALA A 99 14.81 -17.90 2.87
CA ALA A 99 15.02 -19.20 2.25
C ALA A 99 14.67 -19.14 0.79
N GLU A 100 15.66 -18.79 -0.04
CA GLU A 100 15.47 -18.67 -1.48
C GLU A 100 15.49 -20.04 -2.15
N THR A 101 16.57 -20.79 -1.96
CA THR A 101 16.73 -22.12 -2.57
C THR A 101 16.69 -23.26 -1.52
N ARG A 102 16.68 -24.50 -1.98
CA ARG A 102 16.76 -25.65 -1.06
C ARG A 102 18.02 -25.63 -0.20
N LEU A 103 19.06 -24.95 -0.68
CA LEU A 103 20.35 -24.97 0.01
C LEU A 103 20.51 -23.87 1.05
N SER A 104 19.62 -22.89 1.05
CA SER A 104 19.78 -21.72 1.91
C SER A 104 19.46 -22.02 3.38
N ILE A 105 20.49 -21.93 4.21
CA ILE A 105 20.37 -22.14 5.63
C ILE A 105 19.92 -20.87 6.40
N THR A 106 18.61 -20.70 6.57
CA THR A 106 18.09 -19.72 7.53
C THR A 106 18.11 -20.37 8.92
N PRO A 107 18.27 -19.57 9.97
CA PRO A 107 18.23 -20.14 11.33
C PRO A 107 16.90 -20.82 11.66
N VAL A 108 15.80 -20.35 11.07
CA VAL A 108 14.51 -20.99 11.29
C VAL A 108 14.45 -22.38 10.62
N ARG A 109 15.05 -22.52 9.44
CA ARG A 109 15.21 -23.85 8.85
C ARG A 109 16.03 -24.82 9.73
N VAL A 110 17.08 -24.27 10.33
CA VAL A 110 17.86 -24.98 11.34
C VAL A 110 16.97 -25.49 12.49
N ALA A 111 16.19 -24.60 13.11
CA ALA A 111 15.32 -25.00 14.21
C ALA A 111 14.24 -26.00 13.79
N GLN A 112 13.73 -25.84 12.58
CA GLN A 112 12.75 -26.75 12.02
C GLN A 112 13.34 -28.13 11.66
N SER A 113 14.66 -28.20 11.53
CA SER A 113 15.33 -29.45 11.20
C SER A 113 15.63 -30.31 12.42
N LEU A 114 15.74 -29.70 13.58
CA LEU A 114 15.83 -30.46 14.82
C LEU A 114 14.60 -30.27 15.68
N PRO A 115 13.44 -30.71 15.20
CA PRO A 115 12.14 -30.31 15.76
C PRO A 115 11.92 -30.60 17.24
N THR A 116 12.37 -31.75 17.74
CA THR A 116 12.08 -32.10 19.14
C THR A 116 12.96 -31.36 20.14
N TRP A 117 14.10 -30.88 19.67
CA TRP A 117 14.96 -30.11 20.55
C TRP A 117 14.43 -28.66 20.60
N THR A 118 14.06 -28.15 19.44
CA THR A 118 13.52 -26.81 19.31
C THR A 118 12.29 -26.58 20.18
N CYS A 119 11.28 -27.44 19.98
CA CYS A 119 10.02 -27.31 20.70
C CYS A 119 10.23 -27.40 22.19
N ALA A 120 11.17 -28.22 22.61
CA ALA A 120 11.54 -28.30 24.02
C ALA A 120 12.19 -27.01 24.50
N ALA A 121 13.05 -26.44 23.66
CA ALA A 121 13.72 -25.20 24.03
C ALA A 121 12.71 -24.05 24.08
N ALA A 122 11.70 -24.14 23.21
CA ALA A 122 10.62 -23.18 23.13
C ALA A 122 9.90 -23.06 24.46
N ALA A 123 9.58 -24.20 25.04
CA ALA A 123 8.84 -24.24 26.30
C ALA A 123 9.71 -23.81 27.48
N ALA A 124 11.00 -24.13 27.44
CA ALA A 124 11.92 -23.72 28.50
C ALA A 124 12.14 -22.22 28.47
N LEU A 125 11.94 -21.63 27.30
CA LEU A 125 12.25 -20.24 27.03
C LEU A 125 10.99 -19.47 26.73
N LYS A 126 9.86 -20.06 27.08
CA LYS A 126 8.55 -19.49 26.76
C LYS A 126 8.46 -18.01 27.08
N GLU A 127 9.18 -17.59 28.12
CA GLU A 127 9.21 -16.18 28.54
C GLU A 127 10.10 -15.28 27.66
N TYR A 128 10.71 -15.83 26.60
CA TYR A 128 11.49 -15.03 25.64
C TYR A 128 10.91 -15.04 24.24
N LEU A 129 9.99 -15.97 23.97
CA LEU A 129 9.35 -16.07 22.65
C LEU A 129 8.56 -14.82 22.33
N PRO A 130 8.67 -14.34 21.08
CA PRO A 130 7.95 -13.17 20.56
C PRO A 130 6.43 -13.24 20.70
N VAL A 131 5.92 -14.46 20.78
CA VAL A 131 4.50 -14.71 20.88
C VAL A 131 4.35 -15.92 21.78
N GLY A 132 4.28 -15.69 23.09
CA GLY A 132 4.32 -16.79 24.04
C GLY A 132 3.12 -16.81 24.94
N PRO A 133 3.33 -17.19 26.20
CA PRO A 133 2.26 -17.34 27.20
C PRO A 133 1.33 -16.11 27.34
N ALA A 134 1.86 -14.90 27.48
CA ALA A 134 1.03 -13.70 27.47
C ALA A 134 -0.06 -13.78 26.41
N VAL A 135 0.35 -13.73 25.14
CA VAL A 135 -0.60 -13.73 24.03
C VAL A 135 -1.49 -14.96 24.02
N MET A 136 -0.92 -16.13 24.27
CA MET A 136 -1.67 -17.39 24.15
C MET A 136 -2.68 -17.58 25.27
N ASN A 137 -2.26 -17.32 26.50
CA ASN A 137 -3.07 -17.59 27.68
C ASN A 137 -4.41 -16.85 27.71
N LEU A 138 -4.46 -15.68 27.09
CA LEU A 138 -5.70 -14.93 27.00
C LEU A 138 -6.52 -15.33 25.77
N LYS A 139 -6.36 -16.58 25.35
CA LYS A 139 -7.27 -17.14 24.38
C LYS A 139 -7.69 -18.49 24.94
N VAL A 140 -6.74 -19.16 25.58
CA VAL A 140 -6.98 -20.44 26.23
C VAL A 140 -6.11 -20.54 27.48
N GLU A 141 -6.62 -21.21 28.51
CA GLU A 141 -5.83 -21.53 29.68
C GLU A 141 -4.80 -22.59 29.29
N ASN A 142 -3.55 -22.40 29.70
CA ASN A 142 -2.51 -23.43 29.55
C ASN A 142 -2.25 -23.94 28.14
N TYR A 143 -2.01 -23.04 27.19
CA TYR A 143 -1.66 -23.44 25.84
C TYR A 143 -0.29 -24.10 25.88
N PRO A 144 -0.17 -25.30 25.29
CA PRO A 144 1.06 -26.09 25.40
C PRO A 144 2.22 -25.31 24.81
N PRO A 145 3.14 -24.86 25.67
CA PRO A 145 4.27 -24.04 25.21
C PRO A 145 5.19 -24.70 24.16
N GLU A 146 5.19 -26.02 24.02
CA GLU A 146 5.97 -26.67 22.97
C GLU A 146 5.46 -26.29 21.56
N MET A 147 4.19 -25.88 21.50
CA MET A 147 3.52 -25.47 20.26
C MET A 147 3.74 -24.00 19.89
N MET A 148 4.54 -23.29 20.68
CA MET A 148 4.80 -21.88 20.41
C MET A 148 6.01 -21.61 19.49
N CYS A 149 6.14 -22.37 18.40
CA CYS A 149 7.27 -22.22 17.49
C CYS A 149 6.98 -22.80 16.12
N MET A 150 7.73 -22.37 15.11
CA MET A 150 7.52 -22.82 13.74
C MET A 150 7.72 -24.33 13.52
N ALA A 151 8.43 -24.94 14.44
CA ALA A 151 8.90 -26.32 14.32
C ALA A 151 7.88 -27.36 14.80
N PHE A 152 6.87 -26.94 15.54
CA PHE A 152 5.96 -27.92 16.13
C PHE A 152 5.11 -28.73 15.13
N GLY A 153 4.86 -28.19 13.93
CA GLY A 153 4.06 -28.90 12.95
C GLY A 153 4.70 -30.20 12.46
N SER A 154 6.02 -30.30 12.62
CA SER A 154 6.77 -31.47 12.20
C SER A 154 6.54 -32.61 13.16
N LEU A 155 5.87 -32.32 14.26
CA LEU A 155 5.70 -33.27 15.35
C LEU A 155 4.27 -33.80 15.45
N ILE A 156 3.37 -33.18 14.71
CA ILE A 156 2.02 -33.69 14.57
C ILE A 156 2.14 -34.99 13.80
N PRO A 157 1.57 -36.06 14.35
CA PRO A 157 1.72 -37.35 13.66
C PRO A 157 0.53 -37.64 12.77
N THR A 158 0.71 -38.56 11.81
CA THR A 158 -0.38 -38.98 10.92
C THR A 158 -0.57 -40.49 10.99
N ALA A 159 0.24 -41.15 11.82
CA ALA A 159 0.15 -42.58 12.00
C ALA A 159 0.36 -42.92 13.46
N GLY A 160 -0.54 -43.73 14.02
CA GLY A 160 -0.40 -44.14 15.40
C GLY A 160 -1.40 -43.38 16.22
N VAL A 161 -2.17 -42.56 15.52
CA VAL A 161 -3.24 -41.77 16.10
C VAL A 161 -4.39 -41.75 15.11
N SER A 162 -5.57 -41.42 15.60
CA SER A 162 -6.77 -41.29 14.79
C SER A 162 -6.67 -40.07 13.87
N GLU A 163 -7.39 -40.08 12.75
CA GLU A 163 -7.44 -38.90 11.90
C GLU A 163 -7.96 -37.69 12.70
N ALA A 164 -8.83 -37.95 13.67
CA ALA A 164 -9.43 -36.88 14.46
C ALA A 164 -8.41 -36.21 15.38
N THR A 165 -7.56 -37.04 15.98
CA THR A 165 -6.47 -36.58 16.82
C THR A 165 -5.54 -35.64 16.03
N THR A 166 -5.11 -36.11 14.86
CA THR A 166 -4.25 -35.32 13.98
C THR A 166 -4.90 -33.99 13.61
N LYS A 167 -6.23 -34.00 13.45
CA LYS A 167 -6.96 -32.80 13.07
C LYS A 167 -7.05 -31.85 14.23
N THR A 168 -7.21 -32.41 15.43
CA THR A 168 -7.28 -31.60 16.63
C THR A 168 -5.96 -30.85 16.80
N LEU A 169 -4.86 -31.60 16.71
CA LEU A 169 -3.53 -31.02 16.91
C LEU A 169 -3.24 -29.88 15.92
N MET A 170 -3.79 -29.99 14.72
CA MET A 170 -3.58 -28.98 13.72
C MET A 170 -4.38 -27.73 14.01
N GLU A 171 -5.62 -27.93 14.44
CA GLU A 171 -6.44 -26.77 14.80
C GLU A 171 -5.85 -26.04 16.02
N ALA A 172 -5.50 -26.79 17.05
CA ALA A 172 -4.85 -26.25 18.23
C ALA A 172 -3.61 -25.46 17.87
N TYR A 173 -2.80 -26.05 16.99
CA TYR A 173 -1.55 -25.43 16.58
C TYR A 173 -1.83 -24.19 15.74
N SER A 174 -2.88 -24.25 14.92
CA SER A 174 -3.29 -23.09 14.13
C SER A 174 -3.61 -21.86 14.98
N LEU A 175 -3.89 -22.06 16.26
CA LEU A 175 -4.23 -20.95 17.12
C LEU A 175 -3.00 -20.08 17.23
N TRP A 176 -1.87 -20.72 17.45
CA TRP A 176 -0.62 -20.01 17.60
C TRP A 176 -0.06 -19.54 16.25
N GLN A 177 -0.31 -20.29 15.20
CA GLN A 177 0.12 -19.92 13.86
C GLN A 177 -0.52 -18.63 13.42
N ASP A 178 -1.82 -18.57 13.61
CA ASP A 178 -2.64 -17.43 13.25
C ASP A 178 -2.23 -16.25 14.11
N ALA A 179 -1.96 -16.53 15.38
CA ALA A 179 -1.58 -15.50 16.32
C ALA A 179 -0.17 -14.94 16.05
N PHE A 180 0.76 -15.84 15.77
CA PHE A 180 2.13 -15.42 15.47
C PHE A 180 2.13 -14.49 14.29
N THR A 181 1.56 -14.96 13.18
CA THR A 181 1.42 -14.19 11.95
C THR A 181 0.94 -12.76 12.23
N LYS A 182 -0.29 -12.64 12.74
CA LYS A 182 -0.88 -11.33 13.06
C LYS A 182 0.06 -10.46 13.90
N THR A 183 0.55 -11.02 14.99
CA THR A 183 1.44 -10.30 15.89
C THR A 183 2.72 -9.81 15.17
N ILE A 184 3.22 -10.62 14.25
CA ILE A 184 4.55 -10.40 13.70
C ILE A 184 4.51 -9.79 12.30
N ASN A 185 3.53 -10.20 11.51
CA ASN A 185 3.46 -9.76 10.13
C ASN A 185 2.66 -8.47 9.97
N VAL A 186 3.34 -7.44 9.47
CA VAL A 186 2.74 -6.14 9.23
C VAL A 186 1.69 -6.20 8.12
N LYS A 187 2.06 -6.84 7.02
CA LYS A 187 1.20 -6.92 5.83
C LYS A 187 -0.09 -7.68 6.11
N MET A 188 -0.04 -8.63 7.04
CA MET A 188 -1.16 -9.52 7.30
C MET A 188 -2.27 -8.90 8.17
N ARG A 189 -2.02 -7.69 8.65
CA ARG A 189 -2.93 -7.08 9.61
C ARG A 189 -4.21 -6.59 8.93
N GLY A 190 -5.31 -7.27 9.22
CA GLY A 190 -6.60 -6.92 8.64
C GLY A 190 -7.16 -8.02 7.76
N ALA A 191 -6.47 -9.15 7.70
CA ALA A 191 -6.90 -10.27 6.88
C ALA A 191 -7.93 -11.14 7.59
N SER A 192 -8.87 -11.70 6.83
CA SER A 192 -9.85 -12.60 7.42
C SER A 192 -9.11 -13.80 7.95
N LYS A 193 -9.79 -14.58 8.78
CA LYS A 193 -9.17 -15.76 9.38
C LYS A 193 -8.75 -16.78 8.33
N THR A 194 -9.46 -16.77 7.21
CA THR A 194 -9.15 -17.68 6.12
C THR A 194 -7.90 -17.22 5.38
N GLU A 195 -7.76 -15.91 5.21
CA GLU A 195 -6.60 -15.35 4.52
C GLU A 195 -5.30 -15.57 5.30
N VAL A 196 -5.40 -15.57 6.62
CA VAL A 196 -4.26 -15.86 7.49
C VAL A 196 -3.90 -17.33 7.31
N TYR A 197 -4.92 -18.16 7.31
CA TYR A 197 -4.76 -19.60 7.16
C TYR A 197 -4.00 -19.97 5.91
N ASN A 198 -4.47 -19.47 4.77
CA ASN A 198 -3.85 -19.79 3.50
C ASN A 198 -2.38 -19.46 3.45
N SER A 199 -1.97 -18.40 4.12
CA SER A 199 -0.58 -17.99 4.11
C SER A 199 0.29 -19.02 4.80
N PHE A 200 -0.34 -19.94 5.54
CA PHE A 200 0.39 -21.04 6.15
C PHE A 200 -0.15 -22.47 5.90
N ARG A 201 -1.21 -22.62 5.09
CA ARG A 201 -1.72 -23.93 4.65
C ARG A 201 -0.58 -24.88 4.26
N ASP A 202 0.15 -24.49 3.21
CA ASP A 202 1.19 -25.32 2.60
C ASP A 202 2.35 -25.70 3.54
N PRO A 203 2.97 -24.71 4.21
CA PRO A 203 4.08 -25.11 5.06
C PRO A 203 3.71 -26.10 6.15
N LEU A 204 2.55 -25.91 6.76
CA LEU A 204 2.07 -26.79 7.83
C LEU A 204 1.75 -28.19 7.30
N HIS A 205 1.17 -28.24 6.12
CA HIS A 205 0.87 -29.51 5.48
C HIS A 205 2.15 -30.28 5.19
N ALA A 206 3.11 -29.60 4.58
CA ALA A 206 4.36 -30.26 4.18
C ALA A 206 5.08 -30.80 5.39
N ALA A 207 4.90 -30.14 6.53
CA ALA A 207 5.54 -30.56 7.77
C ALA A 207 4.85 -31.77 8.31
N VAL A 208 3.53 -31.76 8.20
CA VAL A 208 2.78 -32.81 8.83
C VAL A 208 2.99 -34.06 8.01
N ASN A 209 2.76 -33.97 6.70
CA ASN A 209 2.85 -35.12 5.84
C ASN A 209 4.27 -35.51 5.46
N SER A 210 5.24 -34.77 5.97
CA SER A 210 6.63 -35.15 5.80
C SER A 210 6.89 -36.49 6.46
N VAL A 211 7.86 -37.23 5.92
CA VAL A 211 8.28 -38.54 6.44
C VAL A 211 9.70 -38.55 7.03
N PHE A 212 10.42 -37.44 6.96
CA PHE A 212 11.76 -37.37 7.56
C PHE A 212 11.79 -37.64 9.06
N PHE A 213 10.96 -36.93 9.82
CA PHE A 213 10.90 -37.19 11.26
C PHE A 213 9.81 -38.21 11.55
N PRO A 214 10.23 -39.40 12.01
CA PRO A 214 9.36 -40.59 12.16
C PRO A 214 8.22 -40.45 13.18
N ASN A 215 7.02 -40.81 12.71
CA ASN A 215 5.82 -40.70 13.50
C ASN A 215 5.86 -41.38 14.86
N ASP A 216 6.43 -42.58 14.94
CA ASP A 216 6.47 -43.29 16.20
C ASP A 216 7.22 -42.48 17.27
N VAL A 217 8.25 -41.74 16.85
CA VAL A 217 8.96 -40.85 17.76
C VAL A 217 8.09 -39.64 18.13
N ARG A 218 7.32 -39.14 17.18
CA ARG A 218 6.39 -38.04 17.44
C ARG A 218 5.39 -38.36 18.57
N VAL A 219 4.60 -39.42 18.34
CA VAL A 219 3.57 -39.87 19.29
C VAL A 219 4.11 -39.99 20.73
N LYS A 220 5.23 -40.68 20.87
CA LYS A 220 5.91 -40.84 22.16
C LYS A 220 6.30 -39.48 22.78
N TRP A 221 6.88 -38.60 21.97
CA TRP A 221 7.25 -37.27 22.43
C TRP A 221 6.00 -36.56 22.92
N LEU A 222 4.96 -36.62 22.09
CA LEU A 222 3.69 -36.00 22.40
C LEU A 222 3.09 -36.52 23.71
N LYS A 223 3.15 -37.84 23.91
CA LYS A 223 2.70 -38.44 25.15
C LYS A 223 3.55 -37.94 26.31
N ALA A 224 4.87 -37.89 26.08
CA ALA A 224 5.81 -37.48 27.13
C ALA A 224 5.63 -36.03 27.57
N LYS A 225 5.05 -35.22 26.71
CA LYS A 225 4.91 -33.81 27.00
C LYS A 225 3.52 -33.57 27.58
N GLY A 226 2.66 -34.58 27.46
CA GLY A 226 1.32 -34.52 27.98
C GLY A 226 0.35 -34.02 26.93
N ILE A 227 0.83 -33.75 25.72
CA ILE A 227 -0.05 -33.22 24.68
C ILE A 227 -0.98 -34.33 24.17
N LEU A 228 -0.48 -35.56 24.22
CA LEU A 228 -1.36 -36.73 24.12
C LEU A 228 -1.33 -37.45 25.46
N GLY A 229 -2.49 -37.98 25.85
CA GLY A 229 -2.56 -38.85 27.02
C GLY A 229 -1.98 -40.20 26.67
N PRO A 230 -1.94 -41.12 27.62
CA PRO A 230 -1.41 -42.47 27.33
C PRO A 230 -2.24 -43.16 26.25
N ASP A 231 -3.53 -42.88 26.20
CA ASP A 231 -4.45 -43.41 25.19
C ASP A 231 -4.27 -42.84 23.77
N GLY A 232 -3.34 -41.89 23.61
CA GLY A 232 -3.02 -41.34 22.30
C GLY A 232 -4.00 -40.31 21.77
N VAL A 233 -4.76 -39.68 22.67
CA VAL A 233 -5.70 -38.62 22.29
C VAL A 233 -5.30 -37.32 22.97
N PRO A 234 -5.63 -36.17 22.34
CA PRO A 234 -5.15 -34.85 22.80
C PRO A 234 -5.44 -34.52 24.26
N SER A 235 -4.60 -33.66 24.81
CA SER A 235 -4.81 -33.07 26.12
C SER A 235 -6.11 -32.32 26.15
N ARG A 236 -6.55 -32.04 27.38
CA ARG A 236 -7.56 -31.05 27.66
C ARG A 236 -7.25 -29.74 26.90
N ALA A 237 -6.08 -29.18 27.19
CA ALA A 237 -5.65 -27.91 26.64
C ALA A 237 -5.64 -27.91 25.11
N ALA A 238 -5.27 -29.04 24.52
CA ALA A 238 -5.24 -29.16 23.07
C ALA A 238 -6.66 -29.10 22.51
N GLU A 239 -7.58 -29.79 23.18
CA GLU A 239 -8.97 -29.85 22.76
C GLU A 239 -9.64 -28.48 22.82
N VAL A 240 -9.24 -27.67 23.81
CA VAL A 240 -9.76 -26.31 23.95
C VAL A 240 -9.18 -25.37 22.89
N ALA A 241 -7.85 -25.41 22.76
CA ALA A 241 -7.14 -24.62 21.76
C ALA A 241 -7.68 -24.90 20.37
N ALA A 242 -7.87 -26.19 20.07
CA ALA A 242 -8.56 -26.61 18.87
C ALA A 242 -9.97 -26.01 18.75
N ALA A 243 -10.75 -26.12 19.81
CA ALA A 243 -12.09 -25.57 19.80
C ALA A 243 -12.03 -24.07 19.63
N ALA A 244 -11.15 -23.44 20.40
CA ALA A 244 -10.94 -22.00 20.26
C ALA A 244 -10.69 -21.65 18.81
N TYR A 245 -9.77 -22.35 18.15
CA TYR A 245 -9.43 -22.04 16.77
C TYR A 245 -10.58 -22.26 15.78
N ARG A 246 -11.35 -23.33 15.97
CA ARG A 246 -12.53 -23.58 15.15
C ARG A 246 -13.52 -22.43 15.31
N ASN A 247 -13.53 -21.84 16.50
CA ASN A 247 -14.42 -20.75 16.83
C ASN A 247 -13.85 -19.35 16.53
N LEU A 248 -12.83 -19.31 15.67
CA LEU A 248 -12.07 -18.11 15.23
C LEU A 248 -10.85 -17.81 16.10
N MET B 4 -13.38 28.61 -37.25
CA MET B 4 -12.66 27.35 -37.38
C MET B 4 -11.27 27.51 -38.01
N SER B 5 -10.23 27.01 -37.33
CA SER B 5 -8.91 26.91 -37.92
C SER B 5 -8.94 25.76 -38.90
N GLU B 6 -7.92 25.63 -39.73
CA GLU B 6 -7.88 24.52 -40.68
C GLU B 6 -8.05 23.17 -39.98
N TRP B 7 -7.58 23.09 -38.75
CA TRP B 7 -7.54 21.85 -37.99
C TRP B 7 -8.90 21.48 -37.47
N SER B 8 -9.47 22.40 -36.69
CA SER B 8 -10.87 22.38 -36.26
C SER B 8 -11.84 21.91 -37.35
N ARG B 9 -11.64 22.42 -38.57
CA ARG B 9 -12.46 22.02 -39.72
C ARG B 9 -12.20 20.57 -40.15
N ILE B 10 -10.96 20.11 -40.01
CA ILE B 10 -10.65 18.71 -40.28
C ILE B 10 -11.36 17.80 -39.29
N ALA B 11 -11.21 18.09 -38.01
CA ALA B 11 -11.83 17.32 -36.93
C ALA B 11 -13.30 17.12 -37.19
N VAL B 12 -13.99 18.18 -37.59
CA VAL B 12 -15.41 18.09 -37.91
C VAL B 12 -15.68 17.20 -39.12
N GLU B 13 -14.95 17.42 -40.22
CA GLU B 13 -15.13 16.65 -41.44
C GLU B 13 -14.79 15.17 -41.24
N PHE B 14 -14.13 14.88 -40.13
CA PHE B 14 -13.69 13.52 -39.85
C PHE B 14 -14.85 12.72 -39.28
N GLY B 15 -15.77 13.41 -38.63
CA GLY B 15 -16.95 12.78 -38.04
C GLY B 15 -18.16 12.76 -38.94
N GLU B 16 -18.03 13.35 -40.12
CA GLU B 16 -19.09 13.37 -41.11
C GLU B 16 -19.00 12.12 -41.98
N GLN B 17 -17.82 11.49 -42.01
CA GLN B 17 -17.61 10.25 -42.78
C GLN B 17 -18.55 9.10 -42.40
N GLN B 18 -18.95 8.31 -43.38
CA GLN B 18 -19.80 7.17 -43.07
C GLN B 18 -18.95 6.12 -42.38
N LEU B 19 -19.49 5.48 -41.35
CA LEU B 19 -18.78 4.36 -40.74
C LEU B 19 -18.76 3.14 -41.63
N ASN B 20 -17.65 2.42 -41.56
CA ASN B 20 -17.50 1.16 -42.28
C ASN B 20 -17.55 -0.03 -41.30
N LEU B 21 -18.75 -0.60 -41.12
CA LEU B 21 -18.97 -1.60 -40.08
C LEU B 21 -18.14 -2.90 -40.18
N THR B 22 -17.81 -3.33 -41.40
CA THR B 22 -16.85 -4.43 -41.56
C THR B 22 -15.39 -4.03 -41.23
N GLU B 23 -14.85 -2.98 -41.88
CA GLU B 23 -13.56 -2.37 -41.52
C GLU B 23 -13.36 -2.42 -39.99
N LEU B 24 -14.32 -1.80 -39.27
CA LEU B 24 -14.28 -1.63 -37.82
C LEU B 24 -14.32 -2.91 -37.01
N GLU B 25 -15.22 -3.81 -37.38
CA GLU B 25 -15.33 -5.10 -36.72
C GLU B 25 -13.99 -5.81 -36.86
N ASP B 26 -13.49 -5.89 -38.10
CA ASP B 26 -12.18 -6.49 -38.38
C ASP B 26 -11.14 -5.93 -37.44
N PHE B 27 -11.13 -4.60 -37.33
CA PHE B 27 -10.21 -3.89 -36.45
C PHE B 27 -10.37 -4.35 -35.01
N ALA B 28 -11.63 -4.42 -34.56
CA ALA B 28 -11.93 -4.78 -33.18
C ALA B 28 -11.39 -6.14 -32.81
N ARG B 29 -11.59 -7.13 -33.69
CA ARG B 29 -11.21 -8.53 -33.43
C ARG B 29 -9.72 -8.72 -33.40
N GLU B 30 -9.06 -8.01 -34.32
CA GLU B 30 -7.60 -8.03 -34.48
C GLU B 30 -6.93 -7.43 -33.26
N LEU B 31 -7.64 -6.53 -32.60
CA LEU B 31 -7.09 -5.87 -31.42
C LEU B 31 -7.65 -6.44 -30.12
N ALA B 32 -8.75 -7.18 -30.21
CA ALA B 32 -9.36 -7.84 -29.05
C ALA B 32 -8.35 -8.68 -28.28
N TYR B 33 -8.44 -8.64 -26.95
CA TYR B 33 -7.55 -9.41 -26.07
C TYR B 33 -7.41 -10.85 -26.54
N GLU B 34 -6.17 -11.34 -26.61
CA GLU B 34 -5.91 -12.73 -26.93
C GLU B 34 -5.01 -13.36 -25.89
N GLY B 35 -5.42 -14.52 -25.41
CA GLY B 35 -4.74 -15.15 -24.30
C GLY B 35 -3.38 -15.73 -24.65
N LEU B 36 -3.32 -16.49 -25.74
CA LEU B 36 -2.09 -17.20 -26.13
C LEU B 36 -2.20 -17.78 -27.55
N ASP B 37 -1.05 -18.09 -28.16
CA ASP B 37 -1.03 -18.85 -29.40
C ASP B 37 -0.71 -20.30 -29.07
N PRO B 38 -1.73 -21.14 -28.95
CA PRO B 38 -1.44 -22.53 -28.61
C PRO B 38 -0.68 -23.22 -29.74
N ALA B 39 -1.00 -22.90 -30.98
CA ALA B 39 -0.34 -23.48 -32.14
C ALA B 39 1.17 -23.28 -32.04
N LEU B 40 1.59 -22.02 -31.89
CA LEU B 40 3.01 -21.72 -31.73
C LEU B 40 3.65 -22.45 -30.55
N ILE B 41 2.92 -22.59 -29.46
CA ILE B 41 3.43 -23.27 -28.27
C ILE B 41 3.69 -24.76 -28.50
N ILE B 42 2.69 -25.47 -29.04
CA ILE B 42 2.82 -26.88 -29.38
C ILE B 42 3.94 -27.13 -30.41
N LYS B 43 3.95 -26.31 -31.45
CA LYS B 43 4.99 -26.42 -32.48
C LYS B 43 6.38 -26.30 -31.88
N LYS B 44 6.56 -25.30 -31.02
CA LYS B 44 7.85 -25.14 -30.35
C LYS B 44 8.26 -26.37 -29.51
N LEU B 45 7.38 -26.83 -28.63
CA LEU B 45 7.65 -27.99 -27.77
C LEU B 45 7.97 -29.27 -28.54
N LYS B 46 7.24 -29.52 -29.61
CA LYS B 46 7.46 -30.71 -30.42
C LYS B 46 8.77 -30.65 -31.19
N GLU B 47 9.00 -29.52 -31.87
CA GLU B 47 10.24 -29.34 -32.62
C GLU B 47 11.47 -29.35 -31.72
N THR B 48 11.31 -28.97 -30.47
CA THR B 48 12.45 -28.87 -29.57
C THR B 48 12.66 -30.20 -28.86
N GLY B 49 11.56 -30.83 -28.51
CA GLY B 49 11.63 -31.94 -27.59
C GLY B 49 11.83 -33.23 -28.33
N GLY B 50 11.33 -33.27 -29.55
CA GLY B 50 11.36 -34.47 -30.34
C GLY B 50 10.26 -35.35 -29.83
N ASP B 51 10.62 -36.49 -29.29
CA ASP B 51 9.63 -37.37 -28.73
C ASP B 51 9.57 -37.25 -27.21
N ASP B 52 10.63 -36.74 -26.56
CA ASP B 52 10.54 -36.53 -25.10
C ASP B 52 9.50 -35.44 -24.81
N TRP B 53 9.06 -34.74 -25.84
CA TRP B 53 8.13 -33.62 -25.65
C TRP B 53 6.80 -34.01 -25.00
N VAL B 54 6.24 -35.14 -25.41
CA VAL B 54 4.98 -35.61 -24.83
C VAL B 54 5.06 -35.87 -23.32
N LYS B 55 6.11 -36.53 -22.85
CA LYS B 55 6.29 -36.67 -21.41
C LYS B 55 6.72 -35.38 -20.73
N ASP B 56 7.59 -34.61 -21.38
CA ASP B 56 8.09 -33.38 -20.80
C ASP B 56 6.96 -32.43 -20.56
N THR B 57 6.07 -32.35 -21.55
CA THR B 57 4.86 -31.55 -21.42
C THR B 57 3.98 -31.92 -20.22
N LYS B 58 3.62 -33.20 -20.09
CA LYS B 58 2.83 -33.69 -18.98
C LYS B 58 3.43 -33.25 -17.66
N PHE B 59 4.76 -33.24 -17.61
CA PHE B 59 5.49 -32.88 -16.40
C PHE B 59 5.41 -31.38 -16.18
N ILE B 60 5.39 -30.63 -17.28
CA ILE B 60 5.24 -29.19 -17.18
C ILE B 60 3.81 -28.87 -16.75
N ILE B 61 2.87 -29.59 -17.33
CA ILE B 61 1.47 -29.35 -17.02
C ILE B 61 1.15 -29.61 -15.54
N VAL B 62 1.74 -30.65 -14.98
CA VAL B 62 1.52 -30.94 -13.58
C VAL B 62 2.12 -29.82 -12.72
N PHE B 63 3.29 -29.33 -13.11
CA PHE B 63 3.83 -28.15 -12.46
C PHE B 63 2.87 -26.93 -12.49
N ALA B 64 2.25 -26.67 -13.63
CA ALA B 64 1.34 -25.54 -13.74
C ALA B 64 0.14 -25.76 -12.85
N LEU B 65 -0.35 -26.99 -12.86
CA LEU B 65 -1.53 -27.36 -12.10
C LEU B 65 -1.36 -27.15 -10.62
N THR B 66 -0.21 -27.53 -10.09
CA THR B 66 -0.03 -27.52 -8.66
C THR B 66 0.85 -26.38 -8.11
N ARG B 67 1.56 -25.66 -8.98
CA ARG B 67 2.51 -24.63 -8.57
C ARG B 67 2.39 -23.32 -9.33
N GLY B 68 1.81 -23.36 -10.52
CA GLY B 68 1.66 -22.15 -11.32
C GLY B 68 2.86 -21.83 -12.22
N ASN B 69 3.24 -20.56 -12.27
CA ASN B 69 4.19 -20.04 -13.26
C ASN B 69 5.54 -19.68 -12.67
N LYS B 70 5.59 -19.49 -11.35
CA LYS B 70 6.79 -18.96 -10.72
C LYS B 70 7.86 -20.03 -10.46
N ILE B 71 8.51 -20.41 -11.57
CA ILE B 71 9.52 -21.49 -11.63
C ILE B 71 10.66 -21.43 -10.60
N VAL B 72 11.39 -20.32 -10.55
CA VAL B 72 12.53 -20.21 -9.63
C VAL B 72 12.08 -20.21 -8.17
N LYS B 73 11.06 -19.43 -7.84
CA LYS B 73 10.56 -19.40 -6.49
C LYS B 73 10.14 -20.80 -6.04
N ALA B 74 9.47 -21.51 -6.95
CA ALA B 74 8.92 -22.83 -6.62
C ALA B 74 9.98 -23.92 -6.59
N SER B 75 11.07 -23.73 -7.31
CA SER B 75 12.17 -24.69 -7.32
C SER B 75 12.98 -24.76 -6.02
N GLY B 76 12.80 -23.77 -5.13
CA GLY B 76 13.48 -23.79 -3.85
C GLY B 76 12.58 -24.42 -2.82
N LYS B 77 11.34 -24.71 -3.23
CA LYS B 77 10.31 -25.22 -2.34
C LYS B 77 9.75 -26.54 -2.85
N MET B 78 10.63 -27.43 -3.29
CA MET B 78 10.23 -28.78 -3.67
C MET B 78 11.31 -29.81 -3.39
N SER B 79 11.06 -31.01 -3.88
CA SER B 79 12.02 -32.09 -3.72
C SER B 79 13.22 -31.84 -4.63
N ASN B 80 14.27 -32.65 -4.47
CA ASN B 80 15.44 -32.51 -5.32
C ASN B 80 15.17 -32.95 -6.76
N SER B 81 14.30 -33.95 -6.92
CA SER B 81 14.03 -34.51 -8.24
C SER B 81 13.19 -33.54 -9.00
N GLY B 82 12.19 -33.01 -8.31
CA GLY B 82 11.29 -32.06 -8.93
C GLY B 82 12.08 -30.86 -9.41
N SER B 83 12.90 -30.30 -8.52
CA SER B 83 13.61 -29.08 -8.81
C SER B 83 14.60 -29.26 -9.96
N LYS B 84 15.45 -30.28 -9.87
CA LYS B 84 16.38 -30.56 -10.97
C LYS B 84 15.67 -30.75 -12.31
N ARG B 85 14.62 -31.56 -12.34
CA ARG B 85 13.93 -31.81 -13.60
C ARG B 85 13.31 -30.53 -14.14
N LEU B 86 12.63 -29.78 -13.27
CA LEU B 86 11.97 -28.53 -13.65
C LEU B 86 12.93 -27.48 -14.21
N MET B 87 14.02 -27.22 -13.51
CA MET B 87 15.05 -26.31 -14.04
C MET B 87 15.55 -26.71 -15.43
N ALA B 88 15.76 -28.02 -15.61
CA ALA B 88 16.20 -28.63 -16.87
C ALA B 88 15.20 -28.43 -18.00
N LEU B 89 13.94 -28.78 -17.75
CA LEU B 89 12.88 -28.48 -18.71
C LEU B 89 12.77 -26.98 -19.04
N GLN B 90 13.10 -26.10 -18.08
CA GLN B 90 13.08 -24.67 -18.35
C GLN B 90 14.17 -24.26 -19.30
N GLU B 91 15.40 -24.71 -19.01
CA GLU B 91 16.52 -24.46 -19.89
C GLU B 91 16.24 -25.04 -21.25
N LYS B 92 15.66 -26.23 -21.29
CA LYS B 92 15.50 -26.94 -22.54
C LYS B 92 14.47 -26.32 -23.48
N TYR B 93 13.44 -25.69 -22.93
CA TYR B 93 12.34 -25.24 -23.77
C TYR B 93 12.23 -23.73 -23.84
N GLY B 94 12.92 -23.03 -22.95
CA GLY B 94 12.87 -21.58 -22.93
C GLY B 94 11.73 -21.07 -22.09
N LEU B 95 11.38 -21.87 -21.09
CA LEU B 95 10.22 -21.59 -20.25
C LEU B 95 10.42 -20.31 -19.49
N VAL B 96 9.39 -19.47 -19.45
CA VAL B 96 9.43 -18.23 -18.65
C VAL B 96 8.28 -18.13 -17.67
N GLU B 97 8.47 -17.29 -16.65
CA GLU B 97 7.50 -17.21 -15.57
C GLU B 97 6.39 -16.22 -15.85
N ARG B 98 6.67 -15.22 -16.69
CA ARG B 98 5.66 -14.21 -17.04
C ARG B 98 5.33 -14.27 -18.50
N ALA B 99 4.04 -14.22 -18.83
CA ALA B 99 3.62 -14.23 -20.22
C ALA B 99 3.57 -12.83 -20.84
N GLU B 100 4.73 -12.20 -20.98
CA GLU B 100 4.83 -10.84 -21.55
C GLU B 100 4.37 -10.75 -23.01
N THR B 101 5.10 -11.40 -23.92
CA THR B 101 4.70 -11.46 -25.32
C THR B 101 3.93 -12.72 -25.71
N ARG B 102 3.61 -12.81 -26.99
CA ARG B 102 2.91 -13.95 -27.57
C ARG B 102 3.80 -15.20 -27.65
N LEU B 103 5.11 -14.99 -27.62
CA LEU B 103 6.07 -16.07 -27.74
C LEU B 103 6.50 -16.58 -26.37
N SER B 104 6.01 -15.95 -25.31
CA SER B 104 6.42 -16.32 -23.96
C SER B 104 5.78 -17.63 -23.60
N ILE B 105 6.60 -18.67 -23.47
CA ILE B 105 6.12 -19.99 -23.07
C ILE B 105 6.14 -20.07 -21.55
N THR B 106 4.96 -20.01 -20.95
CA THR B 106 4.81 -20.22 -19.51
C THR B 106 4.20 -21.59 -19.29
N PRO B 107 4.53 -22.21 -18.16
CA PRO B 107 3.94 -23.49 -17.77
C PRO B 107 2.42 -23.47 -17.91
N VAL B 108 1.75 -22.43 -17.39
CA VAL B 108 0.28 -22.38 -17.50
C VAL B 108 -0.18 -22.35 -18.95
N ARG B 109 0.42 -21.49 -19.77
CA ARG B 109 0.12 -21.49 -21.20
C ARG B 109 0.32 -22.86 -21.88
N VAL B 110 1.32 -23.63 -21.44
CA VAL B 110 1.48 -24.99 -21.94
C VAL B 110 0.25 -25.80 -21.55
N ALA B 111 -0.11 -25.72 -20.27
CA ALA B 111 -1.34 -26.32 -19.78
C ALA B 111 -2.54 -25.89 -20.59
N GLN B 112 -2.59 -24.60 -20.92
CA GLN B 112 -3.71 -24.07 -21.67
C GLN B 112 -3.74 -24.54 -23.13
N SER B 113 -2.60 -25.00 -23.64
CA SER B 113 -2.54 -25.42 -25.03
C SER B 113 -2.79 -26.91 -25.25
N LEU B 114 -2.95 -27.66 -24.17
CA LEU B 114 -3.40 -29.04 -24.23
C LEU B 114 -4.57 -29.27 -23.24
N PRO B 115 -5.72 -28.60 -23.49
CA PRO B 115 -6.84 -28.44 -22.55
C PRO B 115 -7.37 -29.74 -21.94
N THR B 116 -7.79 -30.66 -22.78
CA THR B 116 -8.44 -31.89 -22.31
C THR B 116 -7.54 -32.79 -21.45
N TRP B 117 -6.24 -32.72 -21.68
CA TRP B 117 -5.33 -33.50 -20.85
C TRP B 117 -5.25 -32.85 -19.46
N THR B 118 -5.00 -31.55 -19.45
CA THR B 118 -4.81 -30.78 -18.24
C THR B 118 -5.96 -30.95 -17.23
N CYS B 119 -7.20 -30.76 -17.69
CA CYS B 119 -8.39 -30.93 -16.83
C CYS B 119 -8.54 -32.34 -16.27
N ALA B 120 -8.32 -33.34 -17.13
CA ALA B 120 -8.35 -34.74 -16.71
C ALA B 120 -7.23 -34.99 -15.71
N ALA B 121 -6.10 -34.32 -15.92
CA ALA B 121 -4.96 -34.48 -15.02
C ALA B 121 -5.28 -33.77 -13.71
N ALA B 122 -5.88 -32.60 -13.84
CA ALA B 122 -6.26 -31.79 -12.70
C ALA B 122 -7.17 -32.60 -11.80
N ALA B 123 -8.15 -33.26 -12.42
CA ALA B 123 -9.13 -34.00 -11.66
C ALA B 123 -8.48 -35.21 -10.98
N ALA B 124 -7.58 -35.88 -11.68
CA ALA B 124 -6.87 -37.00 -11.11
C ALA B 124 -5.91 -36.49 -10.03
N LEU B 125 -5.44 -35.26 -10.21
CA LEU B 125 -4.54 -34.65 -9.24
C LEU B 125 -5.23 -33.66 -8.33
N LYS B 126 -6.56 -33.78 -8.23
CA LYS B 126 -7.38 -32.81 -7.53
C LYS B 126 -6.92 -32.52 -6.10
N GLU B 127 -6.48 -33.56 -5.39
CA GLU B 127 -6.02 -33.38 -4.00
C GLU B 127 -4.68 -32.61 -3.94
N TYR B 128 -4.11 -32.30 -5.09
CA TYR B 128 -2.81 -31.60 -5.13
C TYR B 128 -2.93 -30.15 -5.50
N LEU B 129 -4.08 -29.76 -6.05
CA LEU B 129 -4.31 -28.39 -6.52
C LEU B 129 -4.32 -27.35 -5.39
N PRO B 130 -3.79 -26.15 -5.67
CA PRO B 130 -3.74 -25.13 -4.61
C PRO B 130 -5.15 -24.68 -4.21
N VAL B 131 -6.08 -24.76 -5.16
CA VAL B 131 -7.48 -24.51 -4.89
C VAL B 131 -8.27 -25.76 -5.24
N GLY B 132 -8.41 -26.67 -4.29
CA GLY B 132 -9.02 -27.96 -4.57
C GLY B 132 -10.39 -28.13 -3.96
N PRO B 133 -10.74 -29.38 -3.61
CA PRO B 133 -12.05 -29.72 -3.01
C PRO B 133 -12.23 -29.16 -1.61
N ALA B 134 -11.14 -29.02 -0.87
CA ALA B 134 -11.14 -28.33 0.41
C ALA B 134 -11.81 -26.98 0.25
N VAL B 135 -11.32 -26.19 -0.69
CA VAL B 135 -11.95 -24.92 -0.96
C VAL B 135 -13.37 -25.10 -1.51
N MET B 136 -13.49 -25.70 -2.69
CA MET B 136 -14.77 -25.77 -3.39
C MET B 136 -15.96 -26.31 -2.57
N ASN B 137 -15.71 -27.30 -1.73
CA ASN B 137 -16.78 -27.97 -0.99
C ASN B 137 -17.48 -27.07 0.00
N LEU B 138 -16.74 -26.12 0.55
CA LEU B 138 -17.35 -25.15 1.43
C LEU B 138 -18.30 -24.25 0.67
N LYS B 139 -18.31 -24.38 -0.66
CA LYS B 139 -19.15 -23.52 -1.49
C LYS B 139 -20.22 -24.32 -2.20
N VAL B 140 -19.98 -25.61 -2.35
CA VAL B 140 -20.83 -26.45 -3.18
C VAL B 140 -20.41 -27.88 -3.02
N GLU B 141 -21.38 -28.77 -2.87
CA GLU B 141 -21.07 -30.18 -2.86
C GLU B 141 -20.78 -30.58 -4.30
N ASN B 142 -19.75 -31.41 -4.48
CA ASN B 142 -19.42 -32.02 -5.77
C ASN B 142 -19.01 -31.10 -6.93
N TYR B 143 -18.18 -30.11 -6.64
CA TYR B 143 -17.67 -29.26 -7.71
C TYR B 143 -16.87 -30.13 -8.68
N PRO B 144 -17.24 -30.07 -9.97
CA PRO B 144 -16.54 -30.86 -10.99
C PRO B 144 -15.06 -30.59 -10.94
N PRO B 145 -14.26 -31.62 -10.60
CA PRO B 145 -12.82 -31.44 -10.45
C PRO B 145 -12.11 -31.03 -11.76
N GLU B 146 -12.79 -31.22 -12.89
CA GLU B 146 -12.24 -30.86 -14.19
C GLU B 146 -12.30 -29.36 -14.38
N MET B 147 -13.07 -28.71 -13.50
CA MET B 147 -13.24 -27.27 -13.52
C MET B 147 -12.26 -26.59 -12.58
N MET B 148 -11.48 -27.35 -11.84
CA MET B 148 -10.53 -26.75 -10.90
C MET B 148 -9.13 -26.37 -11.46
N CYS B 149 -9.08 -25.74 -12.63
CA CYS B 149 -7.78 -25.41 -13.30
C CYS B 149 -7.93 -24.27 -14.33
N MET B 150 -6.82 -23.70 -14.78
CA MET B 150 -6.89 -22.56 -15.70
C MET B 150 -7.30 -22.97 -17.10
N ALA B 151 -7.18 -24.25 -17.39
CA ALA B 151 -7.40 -24.73 -18.74
C ALA B 151 -8.86 -25.09 -19.04
N PHE B 152 -9.71 -25.12 -18.01
CA PHE B 152 -11.10 -25.53 -18.23
C PHE B 152 -11.85 -24.54 -19.08
N GLY B 153 -11.38 -23.30 -19.08
CA GLY B 153 -12.02 -22.24 -19.83
C GLY B 153 -12.13 -22.55 -21.32
N SER B 154 -11.14 -23.26 -21.86
CA SER B 154 -11.13 -23.53 -23.30
C SER B 154 -12.15 -24.59 -23.73
N LEU B 155 -12.73 -25.28 -22.75
CA LEU B 155 -13.60 -26.43 -23.00
C LEU B 155 -15.07 -26.09 -23.02
N ILE B 156 -15.43 -25.00 -22.37
CA ILE B 156 -16.77 -24.43 -22.50
C ILE B 156 -17.02 -24.20 -23.99
N PRO B 157 -18.07 -24.82 -24.54
CA PRO B 157 -18.39 -24.65 -25.96
C PRO B 157 -19.34 -23.47 -26.24
N THR B 158 -19.33 -22.98 -27.48
CA THR B 158 -20.28 -21.95 -27.90
C THR B 158 -21.02 -22.40 -29.15
N ALA B 159 -20.87 -23.67 -29.50
CA ALA B 159 -21.55 -24.22 -30.68
C ALA B 159 -21.95 -25.66 -30.45
N GLY B 160 -23.25 -25.93 -30.46
CA GLY B 160 -23.74 -27.28 -30.24
C GLY B 160 -24.28 -27.41 -28.84
N VAL B 161 -24.56 -26.25 -28.23
CA VAL B 161 -25.29 -26.10 -26.98
C VAL B 161 -25.93 -24.73 -27.03
N SER B 162 -27.00 -24.54 -26.27
CA SER B 162 -27.68 -23.26 -26.19
C SER B 162 -26.83 -22.22 -25.44
N GLU B 163 -27.07 -20.94 -25.72
CA GLU B 163 -26.31 -19.88 -25.04
C GLU B 163 -26.68 -19.83 -23.56
N ALA B 164 -27.69 -20.60 -23.16
CA ALA B 164 -28.04 -20.76 -21.76
C ALA B 164 -27.13 -21.81 -21.13
N THR B 165 -26.97 -22.94 -21.84
CA THR B 165 -26.02 -23.98 -21.46
C THR B 165 -24.60 -23.39 -21.36
N THR B 166 -24.22 -22.60 -22.36
CA THR B 166 -22.92 -21.95 -22.36
C THR B 166 -22.75 -21.11 -21.10
N LYS B 167 -23.76 -20.27 -20.84
CA LYS B 167 -23.70 -19.30 -19.74
C LYS B 167 -23.63 -19.95 -18.35
N THR B 168 -24.34 -21.06 -18.19
CA THR B 168 -24.31 -21.78 -16.92
C THR B 168 -22.91 -22.36 -16.70
N LEU B 169 -22.32 -22.95 -17.74
CA LEU B 169 -20.98 -23.52 -17.65
C LEU B 169 -19.95 -22.48 -17.22
N MET B 170 -20.20 -21.23 -17.62
CA MET B 170 -19.27 -20.14 -17.34
C MET B 170 -19.44 -19.56 -15.95
N GLU B 171 -20.69 -19.55 -15.49
CA GLU B 171 -21.02 -19.15 -14.13
C GLU B 171 -20.60 -20.23 -13.14
N ALA B 172 -20.88 -21.48 -13.48
CA ALA B 172 -20.38 -22.60 -12.69
C ALA B 172 -18.87 -22.45 -12.55
N TYR B 173 -18.19 -22.28 -13.69
CA TYR B 173 -16.74 -22.06 -13.76
C TYR B 173 -16.27 -20.83 -12.99
N SER B 174 -17.02 -19.73 -13.08
CA SER B 174 -16.64 -18.50 -12.36
C SER B 174 -16.51 -18.70 -10.86
N LEU B 175 -17.21 -19.69 -10.33
CA LEU B 175 -17.05 -20.05 -8.92
C LEU B 175 -15.61 -20.41 -8.57
N TRP B 176 -14.95 -21.20 -9.41
CA TRP B 176 -13.56 -21.58 -9.15
C TRP B 176 -12.60 -20.43 -9.47
N GLN B 177 -12.83 -19.76 -10.60
CA GLN B 177 -12.07 -18.55 -10.95
C GLN B 177 -12.01 -17.55 -9.79
N ASP B 178 -13.18 -17.27 -9.21
CA ASP B 178 -13.27 -16.47 -8.02
C ASP B 178 -12.36 -16.98 -6.92
N ALA B 179 -12.63 -18.19 -6.46
CA ALA B 179 -11.92 -18.74 -5.30
C ALA B 179 -10.44 -18.89 -5.55
N PHE B 180 -10.07 -19.02 -6.82
CA PHE B 180 -8.67 -19.18 -7.17
C PHE B 180 -7.92 -17.88 -6.93
N THR B 181 -8.54 -16.82 -7.44
CA THR B 181 -8.02 -15.47 -7.29
C THR B 181 -7.97 -15.06 -5.82
N LYS B 182 -9.12 -15.13 -5.15
CA LYS B 182 -9.19 -14.69 -3.77
C LYS B 182 -8.20 -15.44 -2.88
N THR B 183 -8.08 -16.74 -3.11
CA THR B 183 -7.19 -17.56 -2.31
C THR B 183 -5.71 -17.27 -2.55
N ILE B 184 -5.32 -17.12 -3.81
CA ILE B 184 -3.92 -17.20 -4.19
C ILE B 184 -3.17 -15.87 -4.31
N ASN B 185 -3.87 -14.80 -4.71
CA ASN B 185 -3.19 -13.52 -4.90
C ASN B 185 -3.62 -12.35 -3.98
N VAL B 186 -2.65 -11.85 -3.22
CA VAL B 186 -2.87 -10.88 -2.16
C VAL B 186 -3.52 -9.56 -2.61
N LYS B 187 -3.19 -9.10 -3.80
CA LYS B 187 -3.69 -7.80 -4.27
C LYS B 187 -5.21 -7.74 -4.47
N MET B 188 -5.91 -8.75 -3.94
CA MET B 188 -7.35 -8.87 -4.13
C MET B 188 -8.13 -9.02 -2.84
N ARG B 189 -7.48 -8.78 -1.71
CA ARG B 189 -8.17 -8.75 -0.41
C ARG B 189 -9.23 -7.65 -0.39
N GLY B 190 -10.36 -7.95 0.26
CA GLY B 190 -11.44 -6.99 0.40
C GLY B 190 -11.94 -6.42 -0.92
N ALA B 191 -11.85 -7.23 -1.97
CA ALA B 191 -12.30 -6.84 -3.28
C ALA B 191 -13.67 -7.44 -3.56
N SER B 192 -14.50 -6.71 -4.29
CA SER B 192 -15.87 -7.16 -4.51
C SER B 192 -15.94 -8.29 -5.52
N LYS B 193 -17.12 -8.89 -5.62
CA LYS B 193 -17.34 -9.99 -6.56
C LYS B 193 -17.34 -9.50 -8.02
N THR B 194 -17.53 -8.20 -8.20
CA THR B 194 -17.52 -7.61 -9.53
C THR B 194 -16.10 -7.13 -9.94
N GLU B 195 -15.27 -6.83 -8.96
CA GLU B 195 -13.89 -6.48 -9.22
C GLU B 195 -13.11 -7.75 -9.58
N VAL B 196 -13.32 -8.81 -8.80
CA VAL B 196 -12.63 -10.08 -9.03
C VAL B 196 -12.99 -10.66 -10.39
N TYR B 197 -14.28 -10.65 -10.72
CA TYR B 197 -14.73 -11.07 -12.03
C TYR B 197 -13.95 -10.36 -13.12
N ASN B 198 -13.85 -9.03 -12.99
CA ASN B 198 -13.15 -8.18 -13.95
C ASN B 198 -11.68 -8.52 -14.11
N SER B 199 -11.04 -8.94 -13.03
CA SER B 199 -9.66 -9.38 -13.15
C SER B 199 -9.55 -10.61 -14.04
N PHE B 200 -10.64 -11.35 -14.24
CA PHE B 200 -10.65 -12.49 -15.15
C PHE B 200 -11.66 -12.51 -16.32
N ARG B 201 -12.49 -11.46 -16.45
CA ARG B 201 -13.37 -11.28 -17.63
C ARG B 201 -12.66 -11.53 -18.96
N ASP B 202 -11.58 -10.78 -19.19
CA ASP B 202 -10.91 -10.83 -20.50
C ASP B 202 -10.31 -12.20 -20.88
N PRO B 203 -9.50 -12.81 -20.01
CA PRO B 203 -8.97 -14.13 -20.39
C PRO B 203 -10.03 -15.20 -20.65
N LEU B 204 -11.06 -15.25 -19.81
CA LEU B 204 -12.14 -16.23 -19.92
C LEU B 204 -12.97 -16.09 -21.19
N HIS B 205 -13.43 -14.89 -21.52
CA HIS B 205 -14.15 -14.67 -22.79
C HIS B 205 -13.27 -15.02 -24.00
N ALA B 206 -11.97 -14.76 -23.93
CA ALA B 206 -11.06 -15.17 -25.02
C ALA B 206 -10.86 -16.70 -25.09
N ALA B 207 -10.77 -17.33 -23.93
CA ALA B 207 -10.68 -18.78 -23.87
C ALA B 207 -11.91 -19.38 -24.51
N VAL B 208 -13.07 -18.86 -24.14
CA VAL B 208 -14.32 -19.46 -24.59
C VAL B 208 -14.47 -19.33 -26.09
N ASN B 209 -14.18 -18.15 -26.61
CA ASN B 209 -14.39 -17.90 -28.02
C ASN B 209 -13.18 -18.22 -28.88
N SER B 210 -12.27 -19.01 -28.33
CA SER B 210 -11.13 -19.44 -29.12
C SER B 210 -11.65 -20.41 -30.18
N VAL B 211 -11.01 -20.41 -31.34
CA VAL B 211 -11.42 -21.30 -32.43
C VAL B 211 -10.49 -22.51 -32.54
N PHE B 212 -9.27 -22.35 -32.03
CA PHE B 212 -8.25 -23.39 -32.07
C PHE B 212 -8.79 -24.75 -31.68
N PHE B 213 -9.11 -24.92 -30.40
CA PHE B 213 -9.66 -26.20 -29.92
C PHE B 213 -11.14 -26.26 -30.22
N PRO B 214 -11.53 -27.17 -31.12
CA PRO B 214 -12.85 -27.14 -31.79
C PRO B 214 -14.02 -27.51 -30.87
N ASN B 215 -15.16 -26.87 -31.11
CA ASN B 215 -16.33 -27.03 -30.26
C ASN B 215 -16.96 -28.41 -30.36
N ASP B 216 -16.73 -29.09 -31.49
CA ASP B 216 -17.34 -30.39 -31.72
C ASP B 216 -16.74 -31.45 -30.79
N VAL B 217 -15.48 -31.23 -30.39
CA VAL B 217 -14.81 -32.04 -29.35
C VAL B 217 -15.15 -31.60 -27.92
N ARG B 218 -15.37 -30.29 -27.72
CA ARG B 218 -15.67 -29.76 -26.40
C ARG B 218 -16.93 -30.40 -25.84
N VAL B 219 -17.96 -30.46 -26.67
CA VAL B 219 -19.25 -31.04 -26.27
C VAL B 219 -19.12 -32.52 -25.91
N LYS B 220 -18.47 -33.30 -26.78
CA LYS B 220 -18.22 -34.72 -26.52
C LYS B 220 -17.45 -34.92 -25.22
N TRP B 221 -16.40 -34.13 -25.01
CA TRP B 221 -15.54 -34.35 -23.86
C TRP B 221 -16.31 -34.07 -22.57
N LEU B 222 -17.05 -32.95 -22.56
CA LEU B 222 -17.91 -32.60 -21.43
C LEU B 222 -18.92 -33.70 -21.10
N LYS B 223 -19.52 -34.26 -22.14
CA LYS B 223 -20.46 -35.36 -22.02
C LYS B 223 -19.82 -36.57 -21.34
N ALA B 224 -18.71 -37.03 -21.91
CA ALA B 224 -17.91 -38.11 -21.36
C ALA B 224 -17.51 -37.87 -19.92
N LYS B 225 -17.49 -36.60 -19.52
CA LYS B 225 -17.00 -36.21 -18.20
C LYS B 225 -18.15 -35.87 -17.30
N GLY B 226 -19.36 -36.01 -17.85
CA GLY B 226 -20.59 -35.95 -17.06
C GLY B 226 -20.97 -34.57 -16.61
N ILE B 227 -20.29 -33.57 -17.18
CA ILE B 227 -20.55 -32.17 -16.88
C ILE B 227 -21.62 -31.65 -17.84
N LEU B 228 -21.70 -32.24 -19.01
CA LEU B 228 -22.90 -32.10 -19.84
C LEU B 228 -23.54 -33.46 -19.91
N GLY B 229 -24.86 -33.50 -19.80
CA GLY B 229 -25.58 -34.75 -19.94
C GLY B 229 -25.68 -35.12 -21.41
N PRO B 230 -26.43 -36.18 -21.72
CA PRO B 230 -26.59 -36.63 -23.10
C PRO B 230 -27.61 -35.76 -23.83
N ASP B 231 -28.48 -35.12 -23.06
CA ASP B 231 -29.49 -34.20 -23.60
C ASP B 231 -28.90 -32.85 -24.04
N GLY B 232 -27.61 -32.67 -23.80
CA GLY B 232 -26.90 -31.48 -24.24
C GLY B 232 -26.88 -30.36 -23.21
N VAL B 233 -27.37 -30.66 -22.01
CA VAL B 233 -27.48 -29.64 -20.98
C VAL B 233 -26.56 -29.97 -19.81
N PRO B 234 -26.18 -28.95 -19.03
CA PRO B 234 -25.30 -29.17 -17.87
C PRO B 234 -25.80 -30.26 -16.92
N SER B 235 -24.89 -30.76 -16.08
CA SER B 235 -25.23 -31.70 -15.02
C SER B 235 -25.94 -30.96 -13.88
N ARG B 236 -26.16 -31.64 -12.76
CA ARG B 236 -26.76 -31.00 -11.60
C ARG B 236 -25.70 -30.17 -10.89
N ALA B 237 -24.51 -30.77 -10.77
CA ALA B 237 -23.36 -30.17 -10.09
C ALA B 237 -22.98 -28.82 -10.69
N ALA B 238 -23.23 -28.68 -11.98
CA ALA B 238 -22.96 -27.42 -12.68
C ALA B 238 -24.01 -26.39 -12.31
N GLU B 239 -25.26 -26.82 -12.36
CA GLU B 239 -26.38 -25.92 -12.12
C GLU B 239 -26.35 -25.36 -10.71
N VAL B 240 -25.97 -26.20 -9.76
CA VAL B 240 -25.79 -25.76 -8.38
C VAL B 240 -24.57 -24.84 -8.26
N ALA B 241 -23.56 -25.11 -9.08
CA ALA B 241 -22.35 -24.28 -9.10
C ALA B 241 -22.63 -22.91 -9.73
N ALA B 242 -23.37 -22.89 -10.84
CA ALA B 242 -23.81 -21.62 -11.41
C ALA B 242 -24.58 -20.82 -10.35
N ALA B 243 -25.56 -21.47 -9.72
CA ALA B 243 -26.39 -20.82 -8.72
C ALA B 243 -25.58 -20.24 -7.57
N ALA B 244 -24.57 -20.98 -7.14
CA ALA B 244 -23.67 -20.50 -6.10
C ALA B 244 -23.04 -19.20 -6.53
N TYR B 245 -22.49 -19.17 -7.75
CA TYR B 245 -21.83 -17.96 -8.23
C TYR B 245 -22.80 -16.79 -8.41
N ARG B 246 -23.94 -17.05 -9.07
CA ARG B 246 -24.97 -16.03 -9.24
C ARG B 246 -25.29 -15.34 -7.92
N ASN B 247 -25.28 -16.11 -6.84
CA ASN B 247 -25.56 -15.61 -5.50
C ASN B 247 -24.30 -15.29 -4.70
N LEU B 248 -23.42 -14.48 -5.29
CA LEU B 248 -22.15 -14.09 -4.67
C LEU B 248 -21.35 -15.26 -4.10
N MET C 4 8.01 45.61 10.04
CA MET C 4 8.38 47.00 10.25
C MET C 4 9.64 47.33 9.45
N SER C 5 10.44 46.32 9.13
CA SER C 5 11.64 46.53 8.31
C SER C 5 12.10 45.24 7.68
N GLU C 6 12.44 45.26 6.40
CA GLU C 6 12.08 46.29 5.47
C GLU C 6 11.44 45.44 4.38
N TRP C 7 11.60 44.13 4.58
CA TRP C 7 10.98 43.13 3.75
C TRP C 7 9.53 42.95 4.21
N SER C 8 9.31 43.05 5.52
CA SER C 8 7.97 43.12 6.07
C SER C 8 7.20 44.28 5.44
N ARG C 9 7.87 45.41 5.29
CA ARG C 9 7.27 46.57 4.61
C ARG C 9 6.89 46.24 3.16
N ILE C 10 7.83 45.65 2.44
CA ILE C 10 7.58 45.24 1.06
C ILE C 10 6.36 44.33 0.98
N ALA C 11 6.30 43.34 1.86
CA ALA C 11 5.14 42.46 1.98
C ALA C 11 3.84 43.22 2.25
N VAL C 12 3.83 44.01 3.32
CA VAL C 12 2.67 44.82 3.63
C VAL C 12 2.26 45.65 2.42
N GLU C 13 3.19 46.45 1.89
CA GLU C 13 2.92 47.27 0.70
C GLU C 13 2.49 46.46 -0.54
N PHE C 14 2.92 45.21 -0.63
CA PHE C 14 2.56 44.39 -1.80
C PHE C 14 1.08 44.06 -1.78
N GLY C 15 0.58 43.67 -0.61
CA GLY C 15 -0.82 43.32 -0.42
C GLY C 15 -1.74 44.53 -0.57
N GLU C 16 -1.19 45.72 -0.36
CA GLU C 16 -1.94 46.98 -0.45
C GLU C 16 -2.41 47.31 -1.86
N GLN C 17 -1.77 46.73 -2.87
CA GLN C 17 -2.09 47.04 -4.27
C GLN C 17 -3.53 46.66 -4.62
N GLN C 18 -4.03 47.23 -5.70
CA GLN C 18 -5.36 46.91 -6.16
C GLN C 18 -5.21 45.81 -7.18
N LEU C 19 -6.09 44.81 -7.12
CA LEU C 19 -6.05 43.71 -8.06
C LEU C 19 -6.41 44.19 -9.47
N ASN C 20 -5.80 43.56 -10.48
CA ASN C 20 -6.22 43.66 -11.87
C ASN C 20 -6.94 42.37 -12.26
N LEU C 21 -8.26 42.34 -12.09
CA LEU C 21 -9.03 41.10 -12.25
C LEU C 21 -8.84 40.43 -13.60
N THR C 22 -8.71 41.23 -14.65
CA THR C 22 -8.38 40.69 -15.96
C THR C 22 -6.99 40.03 -16.02
N GLU C 23 -5.95 40.78 -15.63
CA GLU C 23 -4.59 40.25 -15.41
C GLU C 23 -4.75 38.84 -14.79
N LEU C 24 -5.46 38.79 -13.66
CA LEU C 24 -5.59 37.57 -12.88
C LEU C 24 -6.36 36.47 -13.62
N GLU C 25 -7.55 36.79 -14.13
CA GLU C 25 -8.34 35.77 -14.81
C GLU C 25 -7.65 35.20 -16.03
N ASP C 26 -6.87 36.03 -16.74
CA ASP C 26 -6.06 35.56 -17.87
C ASP C 26 -4.93 34.63 -17.40
N PHE C 27 -4.22 35.02 -16.34
CA PHE C 27 -3.21 34.16 -15.73
C PHE C 27 -3.80 32.79 -15.40
N ALA C 28 -4.99 32.79 -14.80
CA ALA C 28 -5.69 31.56 -14.44
C ALA C 28 -6.04 30.66 -15.64
N ARG C 29 -6.49 31.28 -16.73
CA ARG C 29 -6.88 30.51 -17.91
C ARG C 29 -5.65 29.85 -18.54
N GLU C 30 -4.53 30.59 -18.58
CA GLU C 30 -3.23 30.12 -19.11
C GLU C 30 -2.69 28.92 -18.32
N LEU C 31 -2.90 28.96 -17.01
CA LEU C 31 -2.34 27.98 -16.09
C LEU C 31 -3.32 26.86 -15.77
N ALA C 32 -4.57 27.00 -16.21
CA ALA C 32 -5.61 26.00 -15.98
C ALA C 32 -5.21 24.63 -16.51
N TYR C 33 -5.95 23.60 -16.12
CA TYR C 33 -5.72 22.28 -16.66
C TYR C 33 -6.05 22.31 -18.13
N GLU C 34 -5.14 21.78 -18.92
CA GLU C 34 -5.45 21.44 -20.29
C GLU C 34 -5.03 20.00 -20.58
N GLY C 35 -5.88 19.26 -21.27
CA GLY C 35 -5.64 17.84 -21.47
C GLY C 35 -4.86 17.50 -22.73
N LEU C 36 -5.19 18.17 -23.83
CA LEU C 36 -4.51 17.96 -25.09
C LEU C 36 -4.75 19.10 -26.08
N ASP C 37 -3.81 19.30 -27.00
CA ASP C 37 -3.97 20.23 -28.09
C ASP C 37 -4.39 19.39 -29.28
N PRO C 38 -5.70 19.31 -29.54
CA PRO C 38 -6.20 18.48 -30.63
C PRO C 38 -5.57 18.88 -31.94
N ALA C 39 -5.39 20.18 -32.14
CA ALA C 39 -4.78 20.68 -33.36
C ALA C 39 -3.33 20.19 -33.50
N LEU C 40 -2.59 20.25 -32.39
CA LEU C 40 -1.24 19.71 -32.36
C LEU C 40 -1.26 18.26 -32.81
N ILE C 41 -2.16 17.46 -32.23
CA ILE C 41 -2.34 16.05 -32.59
C ILE C 41 -2.64 15.83 -34.07
N ILE C 42 -3.72 16.44 -34.54
CA ILE C 42 -4.19 16.19 -35.90
C ILE C 42 -3.16 16.61 -36.90
N LYS C 43 -2.50 17.73 -36.62
CA LYS C 43 -1.49 18.27 -37.51
C LYS C 43 -0.34 17.27 -37.65
N LYS C 44 0.19 16.81 -36.53
CA LYS C 44 1.24 15.78 -36.55
C LYS C 44 0.87 14.52 -37.33
N LEU C 45 -0.33 14.00 -37.13
CA LEU C 45 -0.75 12.80 -37.83
C LEU C 45 -0.84 13.07 -39.32
N LYS C 46 -1.40 14.21 -39.69
CA LYS C 46 -1.62 14.48 -41.10
C LYS C 46 -0.31 14.77 -41.83
N GLU C 47 0.66 15.37 -41.16
CA GLU C 47 1.98 15.64 -41.76
C GLU C 47 2.82 14.37 -41.86
N THR C 48 2.74 13.52 -40.85
CA THR C 48 3.63 12.36 -40.77
C THR C 48 3.19 11.23 -41.67
N GLY C 49 1.96 10.79 -41.47
CA GLY C 49 1.34 9.84 -42.37
C GLY C 49 0.74 10.71 -43.44
N GLY C 50 0.63 10.20 -44.65
CA GLY C 50 0.17 11.08 -45.73
C GLY C 50 -1.34 10.99 -45.81
N ASP C 51 -1.80 9.93 -46.45
CA ASP C 51 -3.23 9.61 -46.43
C ASP C 51 -3.53 8.28 -45.72
N ASP C 52 -2.55 7.37 -45.54
CA ASP C 52 -2.76 6.20 -44.63
C ASP C 52 -3.17 6.84 -43.27
N TRP C 53 -2.93 8.14 -43.11
CA TRP C 53 -3.35 8.93 -41.93
C TRP C 53 -4.84 8.82 -41.55
N VAL C 54 -5.76 8.96 -42.51
CA VAL C 54 -7.18 8.76 -42.22
C VAL C 54 -7.52 7.30 -41.82
N LYS C 55 -6.95 6.33 -42.55
CA LYS C 55 -7.06 4.93 -42.14
C LYS C 55 -6.32 4.66 -40.83
N ASP C 56 -5.12 5.21 -40.69
CA ASP C 56 -4.25 4.93 -39.55
C ASP C 56 -4.90 5.34 -38.25
N THR C 57 -5.58 6.48 -38.28
CA THR C 57 -6.18 7.07 -37.10
C THR C 57 -7.34 6.23 -36.60
N LYS C 58 -8.22 5.83 -37.53
CA LYS C 58 -9.34 4.98 -37.19
C LYS C 58 -8.85 3.78 -36.42
N PHE C 59 -7.90 3.08 -37.01
CA PHE C 59 -7.34 1.87 -36.41
C PHE C 59 -6.70 2.16 -35.05
N ILE C 60 -6.08 3.33 -34.91
CA ILE C 60 -5.50 3.73 -33.62
C ILE C 60 -6.60 4.00 -32.60
N ILE C 61 -7.63 4.73 -33.03
CA ILE C 61 -8.82 4.98 -32.24
C ILE C 61 -9.51 3.71 -31.75
N VAL C 62 -9.76 2.74 -32.65
CA VAL C 62 -10.27 1.43 -32.23
C VAL C 62 -9.40 0.82 -31.12
N PHE C 63 -8.08 0.88 -31.28
CA PHE C 63 -7.20 0.43 -30.21
C PHE C 63 -7.47 1.16 -28.91
N ALA C 64 -7.61 2.48 -28.99
CA ALA C 64 -7.86 3.28 -27.80
C ALA C 64 -9.21 2.89 -27.18
N LEU C 65 -10.24 2.78 -28.02
CA LEU C 65 -11.57 2.49 -27.56
C LEU C 65 -11.70 1.15 -26.85
N THR C 66 -10.86 0.19 -27.25
CA THR C 66 -11.04 -1.19 -26.76
C THR C 66 -9.94 -1.75 -25.90
N ARG C 67 -8.79 -1.08 -25.87
CA ARG C 67 -7.64 -1.51 -25.04
C ARG C 67 -6.91 -0.37 -24.29
N GLY C 68 -7.17 0.88 -24.65
CA GLY C 68 -6.60 2.00 -23.91
C GLY C 68 -5.26 2.50 -24.40
N ASN C 69 -4.36 2.77 -23.46
CA ASN C 69 -3.08 3.40 -23.77
C ASN C 69 -1.91 2.47 -23.70
N LYS C 70 -2.14 1.26 -23.19
CA LYS C 70 -1.05 0.31 -22.91
C LYS C 70 -0.54 -0.44 -24.16
N ILE C 71 0.17 0.28 -25.03
CA ILE C 71 0.70 -0.24 -26.30
C ILE C 71 1.51 -1.56 -26.23
N VAL C 72 2.45 -1.66 -25.30
CA VAL C 72 3.30 -2.84 -25.22
C VAL C 72 2.58 -4.06 -24.61
N LYS C 73 1.94 -3.89 -23.44
CA LYS C 73 1.21 -5.01 -22.81
C LYS C 73 0.09 -5.55 -23.69
N ALA C 74 -0.65 -4.64 -24.32
CA ALA C 74 -1.73 -5.04 -25.21
C ALA C 74 -1.22 -5.88 -26.38
N SER C 75 -0.11 -5.48 -26.98
CA SER C 75 0.41 -6.14 -28.17
C SER C 75 0.85 -7.59 -27.87
N GLY C 76 1.23 -7.84 -26.63
CA GLY C 76 1.52 -9.19 -26.19
C GLY C 76 0.27 -10.04 -26.12
N LYS C 77 -0.88 -9.37 -26.11
CA LYS C 77 -2.15 -10.03 -25.88
C LYS C 77 -3.19 -9.71 -26.96
N MET C 78 -2.90 -10.10 -28.20
CA MET C 78 -3.82 -9.86 -29.31
C MET C 78 -3.36 -10.65 -30.54
N SER C 79 -4.22 -10.75 -31.54
CA SER C 79 -3.86 -11.40 -32.79
C SER C 79 -2.55 -10.83 -33.32
N ASN C 80 -1.83 -11.63 -34.07
CA ASN C 80 -0.53 -11.23 -34.57
C ASN C 80 -0.66 -10.14 -35.64
N SER C 81 -1.75 -10.21 -36.38
CA SER C 81 -2.11 -9.17 -37.34
C SER C 81 -2.23 -7.82 -36.62
N GLY C 82 -3.18 -7.71 -35.69
CA GLY C 82 -3.34 -6.52 -34.89
C GLY C 82 -2.06 -6.08 -34.18
N SER C 83 -1.34 -7.01 -33.60
CA SER C 83 -0.10 -6.67 -32.91
C SER C 83 0.94 -5.98 -33.82
N LYS C 84 1.15 -6.53 -35.02
CA LYS C 84 2.15 -6.00 -35.97
C LYS C 84 1.81 -4.57 -36.43
N ARG C 85 0.54 -4.32 -36.75
CA ARG C 85 0.14 -2.99 -37.21
C ARG C 85 0.16 -1.98 -36.08
N LEU C 86 -0.05 -2.44 -34.84
CA LEU C 86 0.01 -1.52 -33.72
C LEU C 86 1.42 -1.04 -33.49
N MET C 87 2.37 -1.97 -33.43
CA MET C 87 3.76 -1.57 -33.17
C MET C 87 4.30 -0.74 -34.31
N ALA C 88 3.82 -1.06 -35.52
CA ALA C 88 4.18 -0.32 -36.73
C ALA C 88 3.69 1.11 -36.66
N LEU C 89 2.45 1.28 -36.24
CA LEU C 89 1.85 2.61 -36.11
C LEU C 89 2.45 3.40 -34.96
N GLN C 90 2.90 2.69 -33.93
CA GLN C 90 3.58 3.33 -32.83
C GLN C 90 4.82 4.03 -33.37
N GLU C 91 5.71 3.28 -34.02
CA GLU C 91 6.92 3.83 -34.59
C GLU C 91 6.66 4.88 -35.66
N LYS C 92 5.71 4.60 -36.55
CA LYS C 92 5.37 5.54 -37.62
C LYS C 92 4.95 6.92 -37.09
N TYR C 93 4.26 6.94 -35.96
CA TYR C 93 3.66 8.16 -35.46
C TYR C 93 4.23 8.60 -34.12
N GLY C 94 5.18 7.83 -33.59
CA GLY C 94 5.78 8.14 -32.31
C GLY C 94 4.78 8.12 -31.17
N LEU C 95 3.77 7.25 -31.32
CA LEU C 95 2.79 6.99 -30.28
C LEU C 95 3.40 6.60 -28.91
N VAL C 96 2.89 7.21 -27.84
CA VAL C 96 3.31 6.87 -26.48
C VAL C 96 2.17 6.39 -25.56
N GLU C 97 2.56 5.89 -24.39
CA GLU C 97 1.62 5.23 -23.48
C GLU C 97 1.07 6.15 -22.36
N ARG C 98 1.89 7.10 -21.91
CA ARG C 98 1.49 8.09 -20.92
C ARG C 98 1.58 9.49 -21.51
N ALA C 99 0.54 10.29 -21.33
CA ALA C 99 0.62 11.70 -21.72
C ALA C 99 1.51 12.46 -20.73
N GLU C 100 2.70 12.88 -21.14
CA GLU C 100 3.58 13.65 -20.25
C GLU C 100 3.68 15.13 -20.64
N THR C 101 3.76 15.43 -21.93
CA THR C 101 3.78 16.80 -22.39
C THR C 101 2.64 17.02 -23.38
N ARG C 102 2.50 18.25 -23.88
CA ARG C 102 1.48 18.57 -24.87
C ARG C 102 1.84 17.85 -26.17
N LEU C 103 3.12 17.49 -26.29
CA LEU C 103 3.64 16.77 -27.44
C LEU C 103 3.27 15.29 -27.43
N SER C 104 3.22 14.68 -26.23
CA SER C 104 2.80 13.28 -26.06
C SER C 104 1.55 12.90 -26.86
N ILE C 105 1.74 12.00 -27.83
CA ILE C 105 0.63 11.48 -28.60
C ILE C 105 0.30 10.07 -28.14
N THR C 106 -0.81 9.94 -27.41
CA THR C 106 -1.30 8.65 -26.96
C THR C 106 -2.46 8.30 -27.85
N PRO C 107 -2.80 7.00 -27.92
CA PRO C 107 -4.00 6.58 -28.62
C PRO C 107 -5.24 7.36 -28.18
N VAL C 108 -5.45 7.47 -26.87
CA VAL C 108 -6.69 8.06 -26.36
C VAL C 108 -6.80 9.54 -26.71
N ARG C 109 -5.70 10.27 -26.59
CA ARG C 109 -5.68 11.67 -27.06
C ARG C 109 -6.01 11.79 -28.56
N VAL C 110 -5.52 10.84 -29.36
CA VAL C 110 -5.86 10.79 -30.78
C VAL C 110 -7.37 10.66 -30.85
N ALA C 111 -7.89 9.72 -30.06
CA ALA C 111 -9.32 9.43 -29.99
C ALA C 111 -10.11 10.66 -29.66
N GLN C 112 -9.58 11.41 -28.70
CA GLN C 112 -10.17 12.66 -28.28
C GLN C 112 -10.05 13.79 -29.31
N SER C 113 -9.14 13.67 -30.27
CA SER C 113 -8.99 14.75 -31.26
C SER C 113 -9.93 14.63 -32.45
N LEU C 114 -10.60 13.49 -32.59
CA LEU C 114 -11.66 13.32 -33.58
C LEU C 114 -12.93 12.84 -32.88
N PRO C 115 -13.55 13.71 -32.04
CA PRO C 115 -14.66 13.34 -31.15
C PRO C 115 -15.86 12.66 -31.81
N THR C 116 -16.44 13.28 -32.81
CA THR C 116 -17.67 12.75 -33.41
C THR C 116 -17.50 11.42 -34.14
N TRP C 117 -16.28 11.09 -34.51
CA TRP C 117 -16.01 9.82 -35.15
C TRP C 117 -15.83 8.76 -34.07
N THR C 118 -15.08 9.12 -33.03
CA THR C 118 -14.80 8.20 -31.95
C THR C 118 -16.08 7.68 -31.27
N CYS C 119 -16.96 8.59 -30.88
CA CYS C 119 -18.19 8.22 -30.18
C CYS C 119 -19.12 7.41 -31.07
N ALA C 120 -19.06 7.67 -32.37
CA ALA C 120 -19.84 6.91 -33.35
C ALA C 120 -19.32 5.47 -33.49
N ALA C 121 -18.01 5.31 -33.38
CA ALA C 121 -17.40 3.99 -33.47
C ALA C 121 -17.52 3.26 -32.14
N ALA C 122 -17.53 4.03 -31.06
CA ALA C 122 -17.81 3.50 -29.73
C ALA C 122 -19.18 2.83 -29.78
N ALA C 123 -20.13 3.58 -30.34
CA ALA C 123 -21.48 3.08 -30.59
C ALA C 123 -21.50 1.85 -31.51
N ALA C 124 -20.73 1.89 -32.59
CA ALA C 124 -20.72 0.78 -33.54
C ALA C 124 -20.09 -0.46 -32.94
N LEU C 125 -19.19 -0.26 -31.98
CA LEU C 125 -18.49 -1.37 -31.36
C LEU C 125 -18.77 -1.51 -29.88
N LYS C 126 -20.01 -1.25 -29.45
CA LYS C 126 -20.40 -1.30 -28.04
C LYS C 126 -19.85 -2.52 -27.35
N GLU C 127 -20.08 -3.68 -27.96
CA GLU C 127 -19.80 -4.95 -27.32
C GLU C 127 -18.32 -5.21 -27.05
N TYR C 128 -17.44 -4.46 -27.72
CA TYR C 128 -15.98 -4.59 -27.56
C TYR C 128 -15.37 -3.63 -26.55
N LEU C 129 -16.15 -2.68 -26.06
CA LEU C 129 -15.71 -1.75 -25.02
C LEU C 129 -15.50 -2.48 -23.68
N PRO C 130 -14.49 -2.05 -22.91
CA PRO C 130 -14.20 -2.62 -21.59
C PRO C 130 -15.25 -2.23 -20.55
N VAL C 131 -16.05 -1.22 -20.88
CA VAL C 131 -17.14 -0.78 -20.04
C VAL C 131 -18.26 -0.45 -21.00
N GLY C 132 -19.07 -1.44 -21.34
CA GLY C 132 -20.13 -1.24 -22.31
C GLY C 132 -21.51 -1.46 -21.73
N PRO C 133 -22.50 -1.71 -22.61
CA PRO C 133 -23.92 -1.87 -22.27
C PRO C 133 -24.17 -2.91 -21.18
N ALA C 134 -23.28 -3.88 -21.01
CA ALA C 134 -23.38 -4.78 -19.87
C ALA C 134 -23.40 -3.96 -18.57
N VAL C 135 -22.23 -3.43 -18.19
CA VAL C 135 -22.10 -2.58 -17.02
C VAL C 135 -23.13 -1.47 -16.96
N MET C 136 -23.50 -0.96 -18.13
CA MET C 136 -24.34 0.22 -18.19
C MET C 136 -25.80 -0.06 -17.90
N ASN C 137 -26.29 -1.20 -18.34
CA ASN C 137 -27.69 -1.57 -18.14
C ASN C 137 -28.01 -1.95 -16.69
N LEU C 138 -26.98 -2.38 -15.96
CA LEU C 138 -27.14 -2.59 -14.53
C LEU C 138 -27.27 -1.27 -13.77
N LYS C 139 -27.21 -0.15 -14.50
CA LYS C 139 -27.30 1.17 -13.90
C LYS C 139 -28.57 1.89 -14.32
N VAL C 140 -28.91 1.78 -15.60
CA VAL C 140 -30.00 2.55 -16.19
C VAL C 140 -30.49 1.75 -17.39
N GLU C 141 -31.76 1.91 -17.74
CA GLU C 141 -32.27 1.32 -18.97
C GLU C 141 -31.76 2.17 -20.13
N ASN C 142 -31.16 1.52 -21.13
CA ASN C 142 -30.77 2.17 -22.38
C ASN C 142 -29.69 3.25 -22.25
N TYR C 143 -28.61 2.99 -21.53
CA TYR C 143 -27.55 4.00 -21.46
C TYR C 143 -26.98 4.30 -22.83
N PRO C 144 -27.04 5.58 -23.25
CA PRO C 144 -26.60 6.06 -24.57
C PRO C 144 -25.16 5.63 -24.91
N PRO C 145 -25.00 4.83 -25.99
CA PRO C 145 -23.72 4.18 -26.31
C PRO C 145 -22.62 5.15 -26.72
N GLU C 146 -22.98 6.29 -27.31
CA GLU C 146 -21.99 7.25 -27.72
C GLU C 146 -21.22 7.80 -26.54
N MET C 147 -21.83 7.73 -25.36
CA MET C 147 -21.19 8.22 -24.15
C MET C 147 -20.29 7.18 -23.50
N MET C 148 -20.20 5.99 -24.10
CA MET C 148 -19.38 4.93 -23.52
C MET C 148 -17.90 5.01 -23.94
N CYS C 149 -17.34 6.22 -23.97
CA CYS C 149 -15.92 6.40 -24.28
C CYS C 149 -15.40 7.67 -23.62
N MET C 150 -14.08 7.84 -23.64
CA MET C 150 -13.48 9.07 -23.14
C MET C 150 -13.76 10.30 -24.01
N ALA C 151 -14.18 10.08 -25.25
CA ALA C 151 -14.25 11.17 -26.20
C ALA C 151 -15.48 11.99 -25.99
N PHE C 152 -16.48 11.41 -25.35
CA PHE C 152 -17.77 12.07 -25.29
C PHE C 152 -17.77 13.45 -24.64
N GLY C 153 -16.92 13.65 -23.62
CA GLY C 153 -16.86 14.92 -22.91
C GLY C 153 -16.72 16.12 -23.83
N SER C 154 -15.94 15.95 -24.89
CA SER C 154 -15.66 17.04 -25.82
C SER C 154 -16.89 17.49 -26.61
N LEU C 155 -17.92 16.65 -26.60
CA LEU C 155 -19.13 16.89 -27.40
C LEU C 155 -20.28 17.55 -26.64
N ILE C 156 -20.11 17.77 -25.34
CA ILE C 156 -21.14 18.46 -24.55
C ILE C 156 -21.10 19.96 -24.79
N PRO C 157 -22.25 20.56 -25.12
CA PRO C 157 -22.34 21.98 -25.48
C PRO C 157 -22.32 22.95 -24.29
N THR C 158 -21.62 24.08 -24.44
CA THR C 158 -21.68 25.20 -23.50
C THR C 158 -22.39 26.39 -24.14
N ALA C 159 -22.97 26.18 -25.31
CA ALA C 159 -23.63 27.24 -26.06
C ALA C 159 -24.55 26.66 -27.13
N GLY C 160 -25.83 26.99 -27.06
CA GLY C 160 -26.81 26.50 -28.01
C GLY C 160 -27.80 25.64 -27.26
N VAL C 161 -27.55 25.52 -25.96
CA VAL C 161 -28.42 24.78 -25.07
C VAL C 161 -28.54 25.52 -23.74
N SER C 162 -29.53 25.13 -22.94
CA SER C 162 -29.71 25.70 -21.60
C SER C 162 -28.59 25.20 -20.68
N GLU C 163 -28.28 25.95 -19.63
CA GLU C 163 -27.19 25.55 -18.74
C GLU C 163 -27.53 24.29 -17.94
N ALA C 164 -28.83 24.00 -17.80
CA ALA C 164 -29.26 22.82 -17.08
C ALA C 164 -29.09 21.62 -17.99
N THR C 165 -29.37 21.82 -19.27
CA THR C 165 -29.07 20.86 -20.31
C THR C 165 -27.61 20.40 -20.20
N THR C 166 -26.70 21.37 -20.11
CA THR C 166 -25.28 21.10 -19.96
C THR C 166 -25.01 20.37 -18.65
N LYS C 167 -25.59 20.85 -17.55
CA LYS C 167 -25.36 20.20 -16.27
C LYS C 167 -25.83 18.73 -16.32
N THR C 168 -26.93 18.49 -17.04
CA THR C 168 -27.56 17.17 -17.12
C THR C 168 -26.76 16.17 -17.97
N LEU C 169 -26.28 16.64 -19.12
CA LEU C 169 -25.39 15.85 -19.96
C LEU C 169 -24.15 15.42 -19.18
N MET C 170 -23.57 16.35 -18.45
CA MET C 170 -22.37 16.05 -17.65
C MET C 170 -22.67 15.09 -16.48
N GLU C 171 -23.92 15.11 -16.02
CA GLU C 171 -24.30 14.23 -14.93
C GLU C 171 -24.58 12.81 -15.45
N ALA C 172 -25.22 12.74 -16.61
CA ALA C 172 -25.36 11.47 -17.31
C ALA C 172 -23.99 10.87 -17.60
N TYR C 173 -23.10 11.68 -18.16
CA TYR C 173 -21.77 11.22 -18.53
C TYR C 173 -20.99 10.66 -17.34
N SER C 174 -21.12 11.29 -16.18
CA SER C 174 -20.33 10.90 -15.00
C SER C 174 -20.71 9.52 -14.49
N LEU C 175 -21.83 9.01 -14.98
CA LEU C 175 -22.24 7.65 -14.70
C LEU C 175 -21.19 6.74 -15.31
N TRP C 176 -20.97 6.93 -16.61
CA TRP C 176 -19.97 6.15 -17.33
C TRP C 176 -18.56 6.40 -16.82
N GLN C 177 -18.22 7.68 -16.66
CA GLN C 177 -16.92 8.06 -16.10
C GLN C 177 -16.59 7.33 -14.80
N ASP C 178 -17.52 7.38 -13.86
CA ASP C 178 -17.39 6.73 -12.55
C ASP C 178 -17.28 5.22 -12.74
N ALA C 179 -18.07 4.70 -13.66
CA ALA C 179 -18.09 3.28 -13.92
C ALA C 179 -16.75 2.91 -14.51
N PHE C 180 -16.26 3.75 -15.41
CA PHE C 180 -15.00 3.44 -16.07
C PHE C 180 -13.92 3.26 -15.05
N THR C 181 -13.65 4.34 -14.33
CA THR C 181 -12.58 4.37 -13.33
C THR C 181 -12.64 3.17 -12.36
N LYS C 182 -13.76 3.03 -11.64
CA LYS C 182 -13.90 1.92 -10.70
C LYS C 182 -13.59 0.55 -11.34
N THR C 183 -14.19 0.28 -12.49
CA THR C 183 -13.96 -0.95 -13.23
C THR C 183 -12.51 -1.12 -13.68
N ILE C 184 -11.82 0.00 -13.94
CA ILE C 184 -10.55 -0.04 -14.65
C ILE C 184 -9.32 0.44 -13.88
N ASN C 185 -9.49 1.36 -12.94
CA ASN C 185 -8.37 1.75 -12.10
C ASN C 185 -8.13 0.74 -10.98
N VAL C 186 -6.90 0.23 -10.92
CA VAL C 186 -6.54 -0.73 -9.88
C VAL C 186 -6.51 -0.03 -8.52
N LYS C 187 -6.09 1.23 -8.49
CA LYS C 187 -6.28 2.06 -7.30
C LYS C 187 -7.73 2.55 -7.34
N MET C 188 -8.11 3.39 -6.38
CA MET C 188 -9.50 3.85 -6.32
C MET C 188 -10.51 2.69 -6.32
N ARG C 189 -10.40 1.79 -5.35
CA ARG C 189 -11.30 0.63 -5.30
C ARG C 189 -12.30 0.73 -4.16
N GLY C 190 -11.83 1.10 -2.98
CA GLY C 190 -12.71 1.30 -1.86
C GLY C 190 -13.06 2.77 -1.67
N ALA C 191 -13.06 3.52 -2.76
CA ALA C 191 -13.09 4.97 -2.70
C ALA C 191 -14.46 5.62 -2.87
N SER C 192 -14.68 6.71 -2.14
CA SER C 192 -15.94 7.43 -2.15
C SER C 192 -16.34 7.93 -3.54
N LYS C 193 -17.60 8.30 -3.68
CA LYS C 193 -18.13 8.86 -4.92
C LYS C 193 -17.34 10.10 -5.32
N THR C 194 -17.34 11.11 -4.45
CA THR C 194 -16.65 12.37 -4.74
C THR C 194 -15.16 12.16 -4.98
N GLU C 195 -14.55 11.25 -4.24
CA GLU C 195 -13.15 10.90 -4.47
C GLU C 195 -12.94 10.47 -5.92
N VAL C 196 -13.92 9.74 -6.46
CA VAL C 196 -13.80 9.20 -7.81
C VAL C 196 -14.07 10.32 -8.78
N TYR C 197 -15.04 11.15 -8.43
CA TYR C 197 -15.36 12.31 -9.24
C TYR C 197 -14.14 13.22 -9.36
N ASN C 198 -13.41 13.40 -8.27
CA ASN C 198 -12.23 14.27 -8.25
C ASN C 198 -11.13 13.75 -9.15
N SER C 199 -11.16 12.47 -9.43
CA SER C 199 -10.17 11.87 -10.30
C SER C 199 -10.43 12.28 -11.74
N PHE C 200 -11.67 12.67 -12.04
CA PHE C 200 -12.01 13.09 -13.39
C PHE C 200 -12.67 14.48 -13.60
N ARG C 201 -12.88 15.29 -12.55
CA ARG C 201 -13.47 16.63 -12.73
C ARG C 201 -12.66 17.45 -13.72
N ASP C 202 -11.41 17.68 -13.33
CA ASP C 202 -10.55 18.64 -14.00
C ASP C 202 -10.43 18.37 -15.54
N PRO C 203 -10.21 17.11 -15.94
CA PRO C 203 -10.26 16.79 -17.38
C PRO C 203 -11.64 16.93 -18.01
N LEU C 204 -12.68 16.53 -17.27
CA LEU C 204 -14.02 16.60 -17.80
C LEU C 204 -14.44 18.04 -18.00
N HIS C 205 -14.08 18.88 -17.04
CA HIS C 205 -14.38 20.30 -17.17
C HIS C 205 -13.57 20.95 -18.31
N ALA C 206 -12.30 20.58 -18.42
CA ALA C 206 -11.44 21.06 -19.51
C ALA C 206 -11.94 20.62 -20.88
N ALA C 207 -12.55 19.46 -20.93
CA ALA C 207 -12.95 18.92 -22.21
C ALA C 207 -14.16 19.68 -22.68
N VAL C 208 -15.09 19.90 -21.75
CA VAL C 208 -16.34 20.55 -22.06
C VAL C 208 -16.11 21.99 -22.48
N ASN C 209 -15.26 22.69 -21.73
CA ASN C 209 -15.04 24.10 -21.97
C ASN C 209 -14.11 24.41 -23.13
N SER C 210 -13.57 23.36 -23.73
CA SER C 210 -12.71 23.48 -24.91
C SER C 210 -13.35 24.31 -26.01
N VAL C 211 -12.57 25.17 -26.66
CA VAL C 211 -13.07 25.94 -27.80
C VAL C 211 -12.67 25.33 -29.13
N PHE C 212 -11.83 24.29 -29.09
CA PHE C 212 -11.39 23.63 -30.32
C PHE C 212 -12.53 23.02 -31.15
N PHE C 213 -13.44 22.30 -30.51
CA PHE C 213 -14.59 21.75 -31.22
C PHE C 213 -15.86 22.56 -30.98
N PRO C 214 -16.39 23.18 -32.05
CA PRO C 214 -17.49 24.15 -32.02
C PRO C 214 -18.82 23.60 -31.49
N ASN C 215 -19.56 24.42 -30.77
CA ASN C 215 -20.83 23.97 -30.19
C ASN C 215 -21.95 23.81 -31.21
N ASP C 216 -21.92 24.60 -32.28
CA ASP C 216 -22.96 24.47 -33.29
C ASP C 216 -22.97 23.06 -33.92
N VAL C 217 -21.79 22.43 -33.97
CA VAL C 217 -21.66 21.05 -34.45
C VAL C 217 -22.07 20.02 -33.38
N ARG C 218 -21.64 20.23 -32.15
CA ARG C 218 -22.00 19.37 -31.03
C ARG C 218 -23.52 19.19 -30.94
N VAL C 219 -24.23 20.30 -30.89
CA VAL C 219 -25.69 20.31 -30.74
C VAL C 219 -26.37 19.58 -31.91
N LYS C 220 -25.88 19.83 -33.12
CA LYS C 220 -26.48 19.23 -34.31
C LYS C 220 -26.27 17.72 -34.31
N TRP C 221 -25.07 17.32 -33.90
CA TRP C 221 -24.69 15.92 -33.84
C TRP C 221 -25.48 15.24 -32.74
N LEU C 222 -25.54 15.87 -31.57
CA LEU C 222 -26.27 15.31 -30.43
C LEU C 222 -27.75 15.12 -30.75
N LYS C 223 -28.30 16.06 -31.52
CA LYS C 223 -29.68 15.92 -31.96
C LYS C 223 -29.78 14.81 -33.00
N ALA C 224 -28.84 14.80 -33.94
CA ALA C 224 -28.83 13.77 -34.97
C ALA C 224 -28.58 12.37 -34.40
N LYS C 225 -28.05 12.32 -33.18
CA LYS C 225 -27.88 11.04 -32.48
C LYS C 225 -29.04 10.79 -31.51
N GLY C 226 -29.80 11.83 -31.20
CA GLY C 226 -30.96 11.70 -30.34
C GLY C 226 -30.72 11.90 -28.86
N ILE C 227 -29.51 12.34 -28.50
CA ILE C 227 -29.16 12.62 -27.10
C ILE C 227 -29.74 13.97 -26.67
N LEU C 228 -30.04 14.81 -27.66
CA LEU C 228 -30.88 15.97 -27.45
C LEU C 228 -32.12 15.77 -28.29
N GLY C 229 -33.24 16.34 -27.85
CA GLY C 229 -34.42 16.40 -28.68
C GLY C 229 -34.34 17.66 -29.51
N PRO C 230 -35.20 17.79 -30.53
CA PRO C 230 -35.18 18.94 -31.44
C PRO C 230 -35.26 20.27 -30.68
N ASP C 231 -35.92 20.25 -29.53
CA ASP C 231 -36.03 21.43 -28.66
C ASP C 231 -34.76 21.68 -27.85
N GLY C 232 -33.71 20.90 -28.11
CA GLY C 232 -32.42 21.10 -27.46
C GLY C 232 -32.34 20.70 -25.99
N VAL C 233 -33.13 19.71 -25.61
CA VAL C 233 -33.11 19.25 -24.23
C VAL C 233 -32.85 17.74 -24.23
N PRO C 234 -32.26 17.24 -23.13
CA PRO C 234 -31.98 15.80 -22.99
C PRO C 234 -33.15 14.85 -23.36
N SER C 235 -32.78 13.64 -23.75
CA SER C 235 -33.71 12.57 -24.05
C SER C 235 -34.17 12.00 -22.73
N ARG C 236 -35.06 11.01 -22.78
CA ARG C 236 -35.52 10.34 -21.57
C ARG C 236 -34.34 9.67 -20.85
N ALA C 237 -33.56 8.89 -21.60
CA ALA C 237 -32.48 8.09 -21.03
C ALA C 237 -31.29 8.92 -20.52
N ALA C 238 -31.18 10.14 -21.01
CA ALA C 238 -30.17 11.06 -20.50
C ALA C 238 -30.58 11.63 -19.14
N GLU C 239 -31.85 12.06 -19.04
CA GLU C 239 -32.43 12.54 -17.79
C GLU C 239 -32.32 11.49 -16.70
N VAL C 240 -32.59 10.23 -17.05
CA VAL C 240 -32.52 9.13 -16.09
C VAL C 240 -31.08 8.88 -15.62
N ALA C 241 -30.14 8.90 -16.56
CA ALA C 241 -28.73 8.70 -16.27
C ALA C 241 -28.18 9.74 -15.31
N ALA C 242 -28.56 11.00 -15.50
CA ALA C 242 -28.19 12.05 -14.55
C ALA C 242 -28.71 11.73 -13.14
N ALA C 243 -30.02 11.58 -13.03
CA ALA C 243 -30.65 11.27 -11.75
C ALA C 243 -29.99 10.09 -11.08
N ALA C 244 -29.70 9.07 -11.89
CA ALA C 244 -28.94 7.91 -11.47
C ALA C 244 -27.55 8.29 -10.97
N TYR C 245 -26.87 9.19 -11.68
CA TYR C 245 -25.58 9.61 -11.17
C TYR C 245 -25.78 10.47 -9.91
N ARG C 246 -26.75 11.39 -9.96
CA ARG C 246 -27.12 12.21 -8.82
C ARG C 246 -27.40 11.38 -7.56
N ASN C 247 -28.10 10.26 -7.75
CA ASN C 247 -28.48 9.37 -6.65
C ASN C 247 -27.40 8.38 -6.26
N LEU C 248 -26.13 8.82 -6.29
CA LEU C 248 -24.97 7.95 -6.00
C LEU C 248 -24.88 6.75 -6.95
N MET D 4 26.05 3.85 39.41
CA MET D 4 26.90 3.21 40.41
C MET D 4 28.29 2.91 39.83
N SER D 5 28.33 2.35 38.62
CA SER D 5 29.60 1.98 37.99
C SER D 5 29.49 1.60 36.50
N GLU D 6 30.29 2.26 35.66
CA GLU D 6 31.04 3.45 36.04
C GLU D 6 30.50 4.58 35.18
N TRP D 7 30.27 4.28 33.91
CA TRP D 7 29.58 5.17 33.02
C TRP D 7 28.18 5.31 33.52
N SER D 8 27.74 4.29 34.26
CA SER D 8 26.48 4.36 34.98
C SER D 8 26.45 5.55 35.91
N ARG D 9 27.58 5.82 36.58
CA ARG D 9 27.66 6.95 37.50
C ARG D 9 27.61 8.31 36.79
N ILE D 10 28.08 8.35 35.54
CA ILE D 10 28.05 9.58 34.76
C ILE D 10 26.61 9.98 34.43
N ALA D 11 25.82 8.99 34.00
CA ALA D 11 24.40 9.20 33.70
C ALA D 11 23.60 9.61 34.93
N VAL D 12 24.08 9.20 36.10
CA VAL D 12 23.42 9.55 37.36
C VAL D 12 23.70 11.00 37.68
N GLU D 13 24.98 11.35 37.78
CA GLU D 13 25.37 12.73 38.11
C GLU D 13 24.97 13.71 37.00
N PHE D 14 24.83 13.21 35.79
CA PHE D 14 24.36 14.02 34.67
C PHE D 14 22.92 14.47 34.90
N GLY D 15 22.17 13.70 35.67
CA GLY D 15 20.76 14.00 35.88
C GLY D 15 20.50 14.80 37.14
N GLU D 16 21.53 14.87 38.00
CA GLU D 16 21.53 15.70 39.20
C GLU D 16 21.98 17.15 38.88
N GLN D 17 22.27 17.44 37.62
CA GLN D 17 22.62 18.80 37.20
C GLN D 17 21.36 19.66 37.13
N GLN D 18 21.42 20.86 37.71
CA GLN D 18 20.29 21.79 37.69
C GLN D 18 19.96 22.21 36.25
N LEU D 19 18.68 22.36 35.94
CA LEU D 19 18.24 22.77 34.60
C LEU D 19 18.40 24.27 34.36
N ASN D 20 18.99 24.63 33.22
CA ASN D 20 19.11 26.03 32.78
C ASN D 20 17.96 26.41 31.84
N LEU D 21 16.83 26.85 32.39
CA LEU D 21 15.64 27.10 31.58
C LEU D 21 15.86 28.19 30.52
N THR D 22 16.87 29.03 30.69
CA THR D 22 17.22 29.92 29.60
C THR D 22 17.87 29.13 28.47
N GLU D 23 18.96 28.41 28.77
CA GLU D 23 19.60 27.50 27.79
C GLU D 23 18.50 26.73 27.00
N LEU D 24 17.63 26.00 27.74
CA LEU D 24 16.61 25.11 27.19
C LEU D 24 15.51 25.72 26.31
N GLU D 25 14.89 26.80 26.77
CA GLU D 25 13.88 27.53 25.99
C GLU D 25 14.44 28.04 24.66
N ASP D 26 15.67 28.55 24.68
CA ASP D 26 16.33 29.00 23.46
C ASP D 26 16.50 27.82 22.50
N PHE D 27 17.17 26.78 22.98
CA PHE D 27 17.38 25.55 22.23
C PHE D 27 16.08 25.11 21.57
N ALA D 28 15.00 25.09 22.34
CA ALA D 28 13.71 24.64 21.86
C ALA D 28 13.15 25.47 20.68
N ARG D 29 13.35 26.80 20.74
CA ARG D 29 12.91 27.71 19.68
C ARG D 29 13.79 27.59 18.43
N GLU D 30 15.11 27.51 18.62
CA GLU D 30 16.02 27.29 17.49
C GLU D 30 15.63 26.00 16.75
N LEU D 31 15.22 25.01 17.52
CA LEU D 31 14.91 23.69 16.99
C LEU D 31 13.46 23.49 16.53
N ALA D 32 12.53 24.36 16.90
CA ALA D 32 11.11 24.17 16.56
C ALA D 32 10.85 24.25 15.06
N TYR D 33 9.69 23.76 14.63
CA TYR D 33 9.33 23.79 13.22
C TYR D 33 9.32 25.22 12.67
N GLU D 34 9.93 25.39 11.50
CA GLU D 34 9.82 26.63 10.73
C GLU D 34 9.53 26.36 9.25
N GLY D 35 8.54 27.04 8.71
CA GLY D 35 8.16 26.86 7.33
C GLY D 35 8.91 27.68 6.28
N LEU D 36 9.37 28.89 6.62
CA LEU D 36 10.07 29.76 5.66
C LEU D 36 10.70 31.03 6.26
N ASP D 37 11.83 31.51 5.69
CA ASP D 37 12.33 32.89 5.88
C ASP D 37 11.74 33.60 4.67
N PRO D 38 10.55 34.20 4.83
CA PRO D 38 9.90 34.93 3.74
C PRO D 38 10.71 36.15 3.29
N ALA D 39 11.51 36.71 4.20
CA ALA D 39 12.38 37.83 3.88
C ALA D 39 13.35 37.39 2.81
N LEU D 40 14.00 36.26 3.07
CA LEU D 40 14.85 35.58 2.11
C LEU D 40 14.21 35.54 0.72
N ILE D 41 12.98 35.04 0.66
CA ILE D 41 12.26 34.85 -0.60
C ILE D 41 12.04 36.17 -1.36
N ILE D 42 11.53 37.17 -0.66
CA ILE D 42 11.30 38.47 -1.25
C ILE D 42 12.62 39.05 -1.71
N LYS D 43 13.62 39.00 -0.83
CA LYS D 43 14.98 39.42 -1.15
C LYS D 43 15.53 38.75 -2.39
N LYS D 44 15.40 37.43 -2.51
CA LYS D 44 15.85 36.76 -3.73
C LYS D 44 15.11 37.29 -4.97
N LEU D 45 13.78 37.33 -4.90
CA LEU D 45 12.97 37.80 -6.03
C LEU D 45 13.24 39.27 -6.47
N LYS D 46 13.33 40.20 -5.53
CA LYS D 46 13.57 41.60 -5.90
C LYS D 46 14.93 41.77 -6.61
N GLU D 47 15.98 41.27 -5.97
CA GLU D 47 17.32 41.31 -6.54
C GLU D 47 17.47 40.59 -7.89
N THR D 48 16.78 39.47 -8.03
CA THR D 48 16.94 38.69 -9.25
C THR D 48 16.15 39.33 -10.38
N GLY D 49 15.07 40.01 -10.04
CA GLY D 49 14.12 40.37 -11.07
C GLY D 49 13.91 41.84 -11.33
N GLY D 50 14.54 42.70 -10.51
CA GLY D 50 14.36 44.13 -10.64
C GLY D 50 12.89 44.53 -10.55
N ASP D 51 12.29 44.86 -11.68
CA ASP D 51 10.89 45.24 -11.66
C ASP D 51 9.94 44.28 -12.45
N ASP D 52 10.44 43.30 -13.26
CA ASP D 52 9.54 42.21 -13.77
C ASP D 52 9.11 41.52 -12.43
N TRP D 53 9.92 41.71 -11.36
CA TRP D 53 9.72 41.05 -10.07
C TRP D 53 8.30 41.13 -9.53
N VAL D 54 7.68 42.30 -9.61
CA VAL D 54 6.33 42.44 -9.08
C VAL D 54 5.29 41.67 -9.92
N LYS D 55 5.32 41.86 -11.22
CA LYS D 55 4.39 41.16 -12.10
C LYS D 55 4.72 39.67 -12.19
N ASP D 56 5.97 39.32 -11.92
CA ASP D 56 6.46 37.94 -12.08
C ASP D 56 5.91 37.09 -10.98
N THR D 57 6.09 37.59 -9.76
CA THR D 57 5.55 36.99 -8.57
C THR D 57 4.04 36.77 -8.68
N LYS D 58 3.31 37.80 -9.08
CA LYS D 58 1.86 37.70 -9.23
C LYS D 58 1.47 36.46 -10.02
N PHE D 59 2.12 36.28 -11.17
CA PHE D 59 1.93 35.10 -12.01
C PHE D 59 2.30 33.79 -11.35
N ILE D 60 3.37 33.81 -10.57
CA ILE D 60 3.85 32.65 -9.87
C ILE D 60 2.81 32.20 -8.83
N ILE D 61 2.24 33.18 -8.14
CA ILE D 61 1.26 32.97 -7.09
C ILE D 61 -0.07 32.42 -7.64
N VAL D 62 -0.49 32.92 -8.81
CA VAL D 62 -1.66 32.36 -9.47
C VAL D 62 -1.42 30.90 -9.76
N PHE D 63 -0.20 30.56 -10.17
CA PHE D 63 0.17 29.17 -10.41
C PHE D 63 0.06 28.32 -9.14
N ALA D 64 0.66 28.81 -8.06
CA ALA D 64 0.60 28.14 -6.78
C ALA D 64 -0.85 27.90 -6.37
N LEU D 65 -1.69 28.93 -6.47
CA LEU D 65 -3.06 28.83 -6.01
C LEU D 65 -3.89 27.80 -6.77
N THR D 66 -3.70 27.73 -8.08
CA THR D 66 -4.60 26.93 -8.90
C THR D 66 -4.03 25.57 -9.30
N ARG D 67 -2.73 25.38 -9.09
CA ARG D 67 -2.03 24.18 -9.54
C ARG D 67 -1.05 23.61 -8.52
N GLY D 68 -0.59 24.43 -7.58
CA GLY D 68 0.30 23.97 -6.51
C GLY D 68 1.78 24.15 -6.76
N ASN D 69 2.58 23.18 -6.33
CA ASN D 69 4.03 23.28 -6.45
C ASN D 69 4.63 22.42 -7.54
N LYS D 70 3.84 21.62 -8.25
CA LYS D 70 4.47 20.67 -9.18
C LYS D 70 4.64 21.20 -10.59
N ILE D 71 5.68 22.03 -10.74
CA ILE D 71 5.95 22.79 -11.96
C ILE D 71 5.95 21.99 -13.27
N VAL D 72 6.90 21.06 -13.39
CA VAL D 72 7.05 20.23 -14.57
C VAL D 72 5.79 19.42 -14.85
N LYS D 73 5.28 18.72 -13.86
CA LYS D 73 4.08 17.92 -14.11
C LYS D 73 2.92 18.77 -14.62
N ALA D 74 2.79 19.98 -14.12
CA ALA D 74 1.67 20.84 -14.48
C ALA D 74 1.92 21.55 -15.79
N SER D 75 3.19 21.84 -16.06
CA SER D 75 3.55 22.56 -17.28
C SER D 75 3.22 21.75 -18.51
N GLY D 76 3.01 20.44 -18.31
CA GLY D 76 2.68 19.53 -19.38
C GLY D 76 1.18 19.39 -19.53
N LYS D 77 0.44 20.09 -18.68
CA LYS D 77 -1.02 20.06 -18.74
C LYS D 77 -1.63 21.46 -18.62
N MET D 78 -1.07 22.41 -19.36
CA MET D 78 -1.69 23.74 -19.51
C MET D 78 -1.54 24.25 -20.92
N SER D 79 -2.01 25.47 -21.15
CA SER D 79 -1.88 26.14 -22.43
C SER D 79 -0.41 26.24 -22.76
N ASN D 80 -0.10 26.41 -24.04
CA ASN D 80 1.28 26.51 -24.44
C ASN D 80 1.89 27.76 -23.81
N SER D 81 1.12 28.85 -23.89
CA SER D 81 1.51 30.16 -23.36
C SER D 81 1.91 30.07 -21.89
N GLY D 82 1.03 29.46 -21.10
CA GLY D 82 1.24 29.39 -19.68
C GLY D 82 2.38 28.47 -19.35
N SER D 83 2.52 27.40 -20.12
CA SER D 83 3.60 26.46 -19.91
C SER D 83 4.94 27.15 -20.16
N LYS D 84 5.02 27.85 -21.28
CA LYS D 84 6.25 28.55 -21.64
C LYS D 84 6.63 29.67 -20.65
N ARG D 85 5.67 30.45 -20.16
CA ARG D 85 6.05 31.46 -19.17
C ARG D 85 6.50 30.87 -17.84
N LEU D 86 5.76 29.85 -17.39
CA LEU D 86 6.03 29.20 -16.11
C LEU D 86 7.45 28.65 -16.03
N MET D 87 7.88 27.95 -17.08
CA MET D 87 9.23 27.38 -17.11
C MET D 87 10.31 28.46 -17.07
N ALA D 88 10.12 29.53 -17.84
CA ALA D 88 11.03 30.69 -17.85
C ALA D 88 11.23 31.26 -16.46
N LEU D 89 10.13 31.49 -15.76
CA LEU D 89 10.17 31.97 -14.38
C LEU D 89 10.92 31.02 -13.47
N GLN D 90 10.82 29.73 -13.77
CA GLN D 90 11.52 28.73 -12.96
C GLN D 90 13.02 28.81 -13.16
N GLU D 91 13.46 28.83 -14.42
CA GLU D 91 14.88 29.10 -14.71
C GLU D 91 15.24 30.48 -14.18
N LYS D 92 14.37 31.46 -14.43
CA LYS D 92 14.63 32.82 -13.99
C LYS D 92 14.89 32.89 -12.49
N TYR D 93 14.07 32.19 -11.71
CA TYR D 93 14.15 32.39 -10.27
C TYR D 93 14.73 31.20 -9.46
N GLY D 94 14.92 30.07 -10.13
CA GLY D 94 15.45 28.90 -9.46
C GLY D 94 14.35 28.28 -8.63
N LEU D 95 13.21 28.07 -9.26
CA LEU D 95 12.06 27.58 -8.55
C LEU D 95 12.18 26.07 -8.40
N VAL D 96 11.88 25.55 -7.22
CA VAL D 96 11.78 24.11 -7.01
C VAL D 96 10.38 23.64 -6.65
N GLU D 97 10.14 22.34 -6.80
CA GLU D 97 8.80 21.77 -6.59
C GLU D 97 8.59 21.28 -5.15
N ARG D 98 9.68 21.20 -4.39
CA ARG D 98 9.67 20.60 -3.06
C ARG D 98 10.41 21.50 -2.10
N ALA D 99 9.91 21.58 -0.87
CA ALA D 99 10.50 22.47 0.13
C ALA D 99 11.56 21.78 0.97
N GLU D 100 12.72 21.50 0.37
CA GLU D 100 13.78 20.74 1.06
C GLU D 100 14.50 21.51 2.17
N THR D 101 15.06 22.67 1.83
CA THR D 101 15.78 23.49 2.80
C THR D 101 15.12 24.88 2.88
N ARG D 102 15.67 25.75 3.71
CA ARG D 102 15.10 27.09 3.87
C ARG D 102 15.29 27.98 2.64
N LEU D 103 16.16 27.55 1.73
CA LEU D 103 16.44 28.30 0.51
C LEU D 103 15.56 27.82 -0.64
N SER D 104 14.78 26.79 -0.38
CA SER D 104 13.90 26.24 -1.40
C SER D 104 12.79 27.23 -1.61
N ILE D 105 12.73 27.79 -2.82
CA ILE D 105 11.70 28.73 -3.19
C ILE D 105 10.71 28.00 -4.06
N THR D 106 9.64 27.53 -3.44
CA THR D 106 8.58 26.81 -4.15
C THR D 106 7.49 27.82 -4.42
N PRO D 107 6.70 27.58 -5.48
CA PRO D 107 5.58 28.50 -5.76
C PRO D 107 4.77 28.83 -4.51
N VAL D 108 4.27 27.82 -3.79
CA VAL D 108 3.43 28.03 -2.61
C VAL D 108 4.12 28.89 -1.55
N ARG D 109 5.40 28.60 -1.34
CA ARG D 109 6.24 29.41 -0.46
C ARG D 109 6.29 30.89 -0.91
N VAL D 110 6.25 31.14 -2.23
CA VAL D 110 6.17 32.53 -2.70
C VAL D 110 4.82 33.11 -2.30
N ALA D 111 3.76 32.36 -2.52
CA ALA D 111 2.43 32.84 -2.15
C ALA D 111 2.36 33.19 -0.67
N GLN D 112 3.00 32.38 0.16
CA GLN D 112 2.94 32.56 1.61
C GLN D 112 3.75 33.75 2.08
N SER D 113 4.59 34.28 1.20
CA SER D 113 5.50 35.35 1.57
C SER D 113 4.82 36.68 1.37
N LEU D 114 3.74 36.65 0.61
CA LEU D 114 2.98 37.84 0.31
C LEU D 114 1.52 37.53 0.56
N PRO D 115 1.16 37.32 1.84
CA PRO D 115 -0.08 36.68 2.29
C PRO D 115 -1.35 37.44 1.90
N THR D 116 -1.39 38.71 2.25
CA THR D 116 -2.57 39.52 1.99
C THR D 116 -2.88 39.60 0.50
N TRP D 117 -1.85 39.65 -0.34
CA TRP D 117 -2.04 39.67 -1.79
C TRP D 117 -2.60 38.35 -2.27
N THR D 118 -2.04 37.26 -1.74
CA THR D 118 -2.40 35.92 -2.14
C THR D 118 -3.85 35.58 -1.82
N CYS D 119 -4.27 35.90 -0.60
CA CYS D 119 -5.64 35.57 -0.19
C CYS D 119 -6.67 36.38 -0.94
N ALA D 120 -6.29 37.61 -1.31
CA ALA D 120 -7.13 38.47 -2.15
C ALA D 120 -7.24 37.85 -3.53
N ALA D 121 -6.07 37.50 -4.08
CA ALA D 121 -5.99 36.89 -5.40
C ALA D 121 -6.75 35.59 -5.41
N ALA D 122 -6.67 34.86 -4.30
CA ALA D 122 -7.39 33.59 -4.14
C ALA D 122 -8.89 33.84 -4.16
N ALA D 123 -9.32 34.87 -3.46
CA ALA D 123 -10.74 35.17 -3.41
C ALA D 123 -11.25 35.64 -4.77
N ALA D 124 -10.42 36.36 -5.52
CA ALA D 124 -10.84 36.83 -6.84
C ALA D 124 -10.91 35.70 -7.86
N LEU D 125 -10.09 34.67 -7.63
CA LEU D 125 -10.06 33.47 -8.49
C LEU D 125 -10.64 32.27 -7.79
N LYS D 126 -11.68 32.50 -6.99
CA LYS D 126 -12.29 31.44 -6.19
C LYS D 126 -12.78 30.25 -7.02
N GLU D 127 -13.27 30.51 -8.22
CA GLU D 127 -13.76 29.47 -9.10
C GLU D 127 -12.63 28.68 -9.77
N TYR D 128 -11.40 29.20 -9.72
CA TYR D 128 -10.28 28.49 -10.31
C TYR D 128 -9.52 27.63 -9.29
N LEU D 129 -9.81 27.84 -8.01
CA LEU D 129 -9.16 27.11 -6.92
C LEU D 129 -9.50 25.62 -6.94
N PRO D 130 -8.54 24.76 -6.56
CA PRO D 130 -8.71 23.30 -6.55
C PRO D 130 -9.75 22.88 -5.54
N VAL D 131 -9.78 23.56 -4.41
CA VAL D 131 -10.80 23.39 -3.41
C VAL D 131 -11.53 24.71 -3.27
N GLY D 132 -12.47 24.96 -4.17
CA GLY D 132 -13.19 26.22 -4.17
C GLY D 132 -14.52 26.13 -3.47
N PRO D 133 -15.43 27.06 -3.77
CA PRO D 133 -16.75 27.11 -3.10
C PRO D 133 -17.53 25.81 -3.30
N ALA D 134 -17.49 25.22 -4.49
CA ALA D 134 -18.15 23.93 -4.72
C ALA D 134 -17.92 22.96 -3.58
N VAL D 135 -16.74 22.97 -2.99
CA VAL D 135 -16.47 22.10 -1.87
C VAL D 135 -17.01 22.68 -0.56
N MET D 136 -16.55 23.87 -0.22
CA MET D 136 -16.89 24.44 1.07
C MET D 136 -18.37 24.81 1.23
N ASN D 137 -19.06 25.01 0.11
CA ASN D 137 -20.47 25.41 0.13
C ASN D 137 -21.40 24.33 0.64
N LEU D 138 -20.99 23.08 0.43
CA LEU D 138 -21.70 21.95 0.99
C LEU D 138 -21.49 21.93 2.50
N LYS D 139 -20.23 22.01 2.91
CA LYS D 139 -19.87 22.11 4.32
C LYS D 139 -20.47 23.36 5.03
N VAL D 140 -20.32 24.55 4.45
CA VAL D 140 -20.79 25.77 5.11
C VAL D 140 -21.40 26.80 4.16
N GLU D 141 -22.51 27.41 4.58
CA GLU D 141 -23.14 28.50 3.84
C GLU D 141 -22.22 29.74 3.91
N ASN D 142 -21.75 30.21 2.75
CA ASN D 142 -20.91 31.42 2.65
C ASN D 142 -19.48 31.35 3.22
N TYR D 143 -18.74 30.27 2.95
CA TYR D 143 -17.36 30.18 3.45
C TYR D 143 -16.48 31.29 2.86
N PRO D 144 -15.75 32.04 3.74
CA PRO D 144 -14.92 33.17 3.29
C PRO D 144 -13.86 32.74 2.27
N PRO D 145 -13.90 33.32 1.07
CA PRO D 145 -13.01 32.86 0.00
C PRO D 145 -11.54 33.16 0.26
N GLU D 146 -11.25 34.09 1.17
CA GLU D 146 -9.87 34.47 1.46
C GLU D 146 -9.14 33.38 2.21
N MET D 147 -9.90 32.49 2.85
CA MET D 147 -9.34 31.39 3.63
C MET D 147 -9.06 30.14 2.82
N MET D 148 -9.36 30.19 1.53
CA MET D 148 -9.28 29.00 0.69
C MET D 148 -7.89 28.86 0.06
N CYS D 149 -6.84 29.04 0.87
CA CYS D 149 -5.48 28.98 0.38
C CYS D 149 -4.52 28.77 1.56
N MET D 150 -3.26 28.42 1.27
CA MET D 150 -2.28 28.15 2.32
C MET D 150 -1.80 29.43 3.02
N ALA D 151 -1.94 30.56 2.36
CA ALA D 151 -1.34 31.77 2.88
C ALA D 151 -2.18 32.38 4.00
N PHE D 152 -3.42 31.94 4.14
CA PHE D 152 -4.29 32.56 5.12
C PHE D 152 -3.81 32.50 6.58
N GLY D 153 -3.16 31.42 6.96
CA GLY D 153 -2.75 31.22 8.35
C GLY D 153 -1.78 32.26 8.92
N SER D 154 -1.00 32.89 8.05
CA SER D 154 -0.07 33.93 8.46
C SER D 154 -0.86 35.18 8.82
N LEU D 155 -2.10 35.25 8.35
CA LEU D 155 -2.94 36.41 8.57
C LEU D 155 -3.69 36.30 9.88
N ILE D 156 -3.84 35.09 10.38
CA ILE D 156 -4.47 34.89 11.68
C ILE D 156 -3.63 35.59 12.75
N PRO D 157 -4.22 36.60 13.41
CA PRO D 157 -3.52 37.42 14.42
C PRO D 157 -3.41 36.77 15.81
N THR D 158 -2.37 37.12 16.56
CA THR D 158 -2.24 36.65 17.94
C THR D 158 -2.35 37.81 18.92
N ALA D 159 -2.25 39.03 18.38
CA ALA D 159 -2.22 40.24 19.18
C ALA D 159 -3.02 41.32 18.47
N GLY D 160 -3.81 42.07 19.23
CA GLY D 160 -4.70 43.05 18.65
C GLY D 160 -6.12 42.52 18.66
N VAL D 161 -6.29 41.33 19.25
CA VAL D 161 -7.58 40.67 19.35
C VAL D 161 -7.54 39.59 20.45
N SER D 162 -8.71 39.12 20.88
CA SER D 162 -8.79 38.20 22.03
C SER D 162 -8.34 36.79 21.68
N GLU D 163 -7.92 36.04 22.69
CA GLU D 163 -7.46 34.66 22.49
C GLU D 163 -8.53 33.79 21.84
N ALA D 164 -9.79 34.03 22.21
CA ALA D 164 -10.90 33.19 21.74
C ALA D 164 -11.26 33.44 20.28
N THR D 165 -11.10 34.70 19.85
CA THR D 165 -11.23 35.07 18.45
C THR D 165 -10.25 34.27 17.60
N THR D 166 -8.99 34.26 18.05
CA THR D 166 -7.91 33.58 17.38
C THR D 166 -8.23 32.11 17.19
N LYS D 167 -8.71 31.46 18.24
CA LYS D 167 -9.05 30.03 18.19
C LYS D 167 -10.16 29.75 17.19
N THR D 168 -11.07 30.71 17.02
CA THR D 168 -12.17 30.59 16.08
C THR D 168 -11.64 30.63 14.65
N LEU D 169 -10.80 31.63 14.36
CA LEU D 169 -10.14 31.70 13.05
C LEU D 169 -9.34 30.42 12.75
N MET D 170 -8.52 29.97 13.70
CA MET D 170 -7.74 28.75 13.48
C MET D 170 -8.63 27.57 13.18
N GLU D 171 -9.83 27.60 13.78
CA GLU D 171 -10.81 26.53 13.62
C GLU D 171 -11.64 26.68 12.35
N ALA D 172 -12.09 27.89 12.08
CA ALA D 172 -12.78 28.19 10.83
C ALA D 172 -11.91 27.75 9.65
N TYR D 173 -10.64 28.14 9.74
CA TYR D 173 -9.62 27.90 8.71
C TYR D 173 -9.36 26.42 8.49
N SER D 174 -9.12 25.70 9.58
CA SER D 174 -8.95 24.25 9.54
C SER D 174 -9.99 23.50 8.72
N LEU D 175 -11.20 24.04 8.62
CA LEU D 175 -12.22 23.42 7.78
C LEU D 175 -11.73 23.37 6.34
N TRP D 176 -11.13 24.45 5.86
CA TRP D 176 -10.56 24.44 4.51
C TRP D 176 -9.30 23.58 4.48
N GLN D 177 -8.49 23.69 5.54
CA GLN D 177 -7.33 22.83 5.72
C GLN D 177 -7.68 21.35 5.60
N ASP D 178 -8.61 20.90 6.43
CA ASP D 178 -9.10 19.51 6.40
C ASP D 178 -9.52 19.17 4.99
N ALA D 179 -10.44 19.97 4.43
CA ALA D 179 -10.99 19.69 3.12
C ALA D 179 -9.90 19.58 2.06
N PHE D 180 -8.95 20.51 2.06
CA PHE D 180 -7.90 20.54 1.05
C PHE D 180 -7.01 19.30 1.07
N THR D 181 -6.61 18.90 2.27
CA THR D 181 -5.75 17.75 2.43
C THR D 181 -6.45 16.46 1.99
N LYS D 182 -7.68 16.26 2.46
CA LYS D 182 -8.44 15.07 2.12
C LYS D 182 -8.67 14.99 0.61
N THR D 183 -9.06 16.11 0.01
CA THR D 183 -9.52 16.12 -1.37
C THR D 183 -8.40 16.01 -2.37
N ILE D 184 -7.17 16.33 -1.95
CA ILE D 184 -6.03 16.36 -2.87
C ILE D 184 -4.95 15.30 -2.66
N ASN D 185 -4.66 14.97 -1.41
CA ASN D 185 -3.66 13.96 -1.11
C ASN D 185 -4.28 12.58 -0.93
N VAL D 186 -3.93 11.65 -1.82
CA VAL D 186 -4.52 10.32 -1.80
C VAL D 186 -4.05 9.49 -0.61
N LYS D 187 -2.79 9.66 -0.21
CA LYS D 187 -2.26 8.94 0.95
C LYS D 187 -3.03 9.28 2.24
N MET D 188 -3.75 10.40 2.19
CA MET D 188 -4.50 10.88 3.35
C MET D 188 -5.92 10.33 3.40
N ARG D 189 -6.27 9.48 2.43
CA ARG D 189 -7.63 8.96 2.36
C ARG D 189 -7.89 7.78 3.30
N GLY D 190 -9.07 7.80 3.93
CA GLY D 190 -9.47 6.75 4.85
C GLY D 190 -8.91 7.05 6.22
N ALA D 191 -8.86 8.33 6.57
CA ALA D 191 -8.15 8.78 7.77
C ALA D 191 -9.02 9.64 8.68
N SER D 192 -8.86 9.48 9.99
CA SER D 192 -9.69 10.22 10.95
C SER D 192 -9.45 11.72 10.90
N LYS D 193 -10.15 12.45 11.75
CA LYS D 193 -10.05 13.91 11.76
C LYS D 193 -8.73 14.31 12.41
N THR D 194 -8.35 13.64 13.49
CA THR D 194 -7.15 13.99 14.22
C THR D 194 -5.89 13.63 13.43
N GLU D 195 -5.96 12.59 12.62
CA GLU D 195 -4.82 12.17 11.78
C GLU D 195 -4.45 13.21 10.70
N VAL D 196 -5.44 13.92 10.18
CA VAL D 196 -5.18 14.92 9.15
C VAL D 196 -4.91 16.30 9.75
N TYR D 197 -5.48 16.56 10.93
CA TYR D 197 -5.19 17.79 11.64
C TYR D 197 -3.74 17.84 11.99
N ASN D 198 -3.23 16.71 12.47
CA ASN D 198 -1.82 16.59 12.79
C ASN D 198 -0.97 16.82 11.56
N SER D 199 -1.48 16.40 10.42
CA SER D 199 -0.81 16.61 9.15
C SER D 199 -0.51 18.09 8.89
N PHE D 200 -1.43 18.99 9.27
CA PHE D 200 -1.19 20.44 9.16
C PHE D 200 -0.86 21.23 10.44
N ARG D 201 -1.00 20.64 11.63
CA ARG D 201 -0.83 21.36 12.90
C ARG D 201 0.47 22.17 13.03
N ASP D 202 1.61 21.55 12.79
CA ASP D 202 2.90 22.27 12.91
C ASP D 202 3.01 23.51 11.97
N PRO D 203 2.81 23.31 10.65
CA PRO D 203 2.83 24.46 9.72
C PRO D 203 1.86 25.60 10.06
N LEU D 204 0.65 25.24 10.45
CA LEU D 204 -0.37 26.22 10.81
C LEU D 204 0.09 26.99 12.03
N HIS D 205 0.60 26.26 13.02
CA HIS D 205 1.01 26.92 14.25
C HIS D 205 2.15 27.86 13.94
N ALA D 206 3.05 27.42 13.05
CA ALA D 206 4.24 28.17 12.72
C ALA D 206 3.88 29.45 11.97
N ALA D 207 2.88 29.36 11.10
CA ALA D 207 2.43 30.52 10.33
C ALA D 207 1.86 31.57 11.27
N VAL D 208 0.78 31.21 11.94
CA VAL D 208 0.08 32.10 12.87
C VAL D 208 1.02 32.81 13.83
N ASN D 209 1.94 32.07 14.42
CA ASN D 209 2.84 32.63 15.41
C ASN D 209 4.03 33.38 14.85
N SER D 210 4.14 33.42 13.52
CA SER D 210 5.25 34.11 12.87
C SER D 210 5.22 35.60 13.13
N VAL D 211 6.39 36.20 13.28
CA VAL D 211 6.49 37.63 13.56
C VAL D 211 6.80 38.44 12.31
N PHE D 212 7.01 37.77 11.18
CA PHE D 212 7.32 38.48 9.95
C PHE D 212 6.20 39.49 9.64
N PHE D 213 5.00 38.99 9.42
CA PHE D 213 3.87 39.85 9.09
C PHE D 213 3.17 40.37 10.35
N PRO D 214 3.19 41.71 10.56
CA PRO D 214 2.79 42.38 11.80
C PRO D 214 1.31 42.20 12.12
N ASN D 215 0.97 41.96 13.39
CA ASN D 215 -0.40 41.64 13.74
C ASN D 215 -1.41 42.74 13.41
N ASP D 216 -1.01 43.99 13.62
CA ASP D 216 -1.91 45.12 13.36
C ASP D 216 -2.42 45.14 11.92
N VAL D 217 -1.56 44.85 10.94
CA VAL D 217 -2.02 44.78 9.56
C VAL D 217 -3.01 43.62 9.41
N ARG D 218 -2.68 42.48 10.02
CA ARG D 218 -3.50 41.30 9.93
C ARG D 218 -4.95 41.66 10.29
N VAL D 219 -5.12 42.19 11.49
CA VAL D 219 -6.44 42.59 11.99
C VAL D 219 -7.11 43.61 11.06
N LYS D 220 -6.41 44.69 10.75
CA LYS D 220 -6.99 45.70 9.86
C LYS D 220 -7.47 45.09 8.55
N TRP D 221 -6.63 44.26 7.96
CA TRP D 221 -6.96 43.58 6.71
C TRP D 221 -8.14 42.62 6.89
N LEU D 222 -8.12 41.84 7.97
CA LEU D 222 -9.23 40.95 8.27
C LEU D 222 -10.54 41.73 8.37
N LYS D 223 -10.48 42.89 9.05
CA LYS D 223 -11.61 43.79 9.16
C LYS D 223 -12.08 44.31 7.81
N ALA D 224 -11.14 44.75 6.98
CA ALA D 224 -11.48 45.24 5.64
C ALA D 224 -12.14 44.20 4.71
N LYS D 225 -12.31 42.97 5.20
CA LYS D 225 -12.87 41.91 4.39
C LYS D 225 -14.12 41.31 5.04
N GLY D 226 -14.40 41.72 6.28
CA GLY D 226 -15.57 41.23 6.98
C GLY D 226 -15.39 39.84 7.56
N ILE D 227 -14.14 39.46 7.76
CA ILE D 227 -13.86 38.25 8.49
C ILE D 227 -13.93 38.60 9.98
N LEU D 228 -13.39 39.76 10.33
CA LEU D 228 -13.61 40.35 11.63
C LEU D 228 -14.44 41.60 11.48
N GLY D 229 -15.45 41.74 12.34
CA GLY D 229 -16.24 42.96 12.42
C GLY D 229 -15.45 44.07 13.10
N PRO D 230 -16.04 45.27 13.21
CA PRO D 230 -15.27 46.44 13.68
C PRO D 230 -14.89 46.34 15.16
N ASP D 231 -15.62 45.51 15.90
CA ASP D 231 -15.33 45.28 17.31
C ASP D 231 -14.22 44.24 17.50
N GLY D 232 -13.77 43.63 16.41
CA GLY D 232 -12.70 42.65 16.43
C GLY D 232 -13.14 41.22 16.72
N VAL D 233 -14.27 40.82 16.16
CA VAL D 233 -14.80 39.47 16.38
C VAL D 233 -15.12 38.78 15.05
N PRO D 234 -14.96 37.45 15.02
CA PRO D 234 -15.27 36.63 13.84
C PRO D 234 -16.67 36.88 13.30
N SER D 235 -16.87 36.61 12.02
CA SER D 235 -18.12 36.94 11.35
C SER D 235 -19.13 35.84 11.63
N ARG D 236 -20.33 35.96 11.06
CA ARG D 236 -21.26 34.85 11.11
C ARG D 236 -20.65 33.62 10.39
N ALA D 237 -20.19 33.86 9.16
CA ALA D 237 -19.53 32.83 8.36
C ALA D 237 -18.35 32.22 9.09
N ALA D 238 -17.64 33.05 9.86
CA ALA D 238 -16.50 32.57 10.64
C ALA D 238 -16.91 31.62 11.77
N GLU D 239 -17.86 32.04 12.62
CA GLU D 239 -18.32 31.20 13.73
C GLU D 239 -18.99 29.90 13.24
N VAL D 240 -19.80 30.02 12.19
CA VAL D 240 -20.45 28.85 11.58
C VAL D 240 -19.47 27.80 11.09
N ALA D 241 -18.44 28.27 10.39
CA ALA D 241 -17.44 27.40 9.81
C ALA D 241 -16.64 26.72 10.89
N ALA D 242 -16.30 27.48 11.93
CA ALA D 242 -15.62 26.91 13.10
C ALA D 242 -16.48 25.82 13.76
N ALA D 243 -17.74 26.14 14.05
CA ALA D 243 -18.68 25.13 14.58
C ALA D 243 -18.64 23.90 13.70
N ALA D 244 -18.88 24.10 12.41
CA ALA D 244 -18.74 23.04 11.42
C ALA D 244 -17.49 22.19 11.63
N TYR D 245 -16.36 22.82 11.93
CA TYR D 245 -15.12 22.04 12.02
C TYR D 245 -15.00 21.26 13.34
N ARG D 246 -15.37 21.90 14.45
CA ARG D 246 -15.42 21.21 15.75
C ARG D 246 -16.41 20.05 15.74
N ASN D 247 -17.39 20.11 14.84
CA ASN D 247 -18.39 19.06 14.72
C ASN D 247 -17.98 18.03 13.70
N LEU D 248 -16.67 17.79 13.60
CA LEU D 248 -16.10 16.82 12.66
C LEU D 248 -16.59 17.04 11.23
N MET E 4 15.17 -43.92 10.32
CA MET E 4 15.54 -44.93 9.34
C MET E 4 16.48 -44.35 8.27
N SER E 5 16.96 -43.14 8.50
CA SER E 5 18.06 -42.58 7.72
C SER E 5 19.17 -42.09 8.64
N GLU E 6 20.38 -42.02 8.10
CA GLU E 6 21.52 -41.48 8.80
C GLU E 6 21.15 -40.16 9.46
N TRP E 7 20.62 -39.25 8.64
CA TRP E 7 20.28 -37.91 9.10
C TRP E 7 19.04 -37.88 10.00
N SER E 8 18.05 -38.72 9.69
CA SER E 8 16.89 -38.86 10.55
C SER E 8 17.29 -39.30 11.94
N ARG E 9 18.20 -40.26 12.01
CA ARG E 9 18.59 -40.81 13.30
C ARG E 9 19.31 -39.75 14.12
N ILE E 10 19.99 -38.84 13.42
CA ILE E 10 20.68 -37.73 14.06
C ILE E 10 19.72 -36.72 14.72
N ALA E 11 18.67 -36.35 13.99
CA ALA E 11 17.65 -35.43 14.48
C ALA E 11 17.01 -35.95 15.74
N VAL E 12 16.65 -37.22 15.71
CA VAL E 12 16.01 -37.85 16.85
C VAL E 12 16.89 -37.83 18.11
N GLU E 13 18.07 -38.44 18.06
CA GLU E 13 18.86 -38.52 19.30
C GLU E 13 19.25 -37.09 19.72
N PHE E 14 19.24 -36.15 18.77
CA PHE E 14 19.48 -34.71 19.05
C PHE E 14 18.42 -34.11 19.92
N GLY E 15 17.17 -34.30 19.52
CA GLY E 15 16.03 -33.87 20.31
C GLY E 15 15.88 -34.65 21.61
N GLU E 16 16.70 -35.69 21.78
CA GLU E 16 16.68 -36.52 22.99
C GLU E 16 17.64 -36.01 24.08
N GLN E 17 18.36 -34.93 23.80
CA GLN E 17 19.28 -34.38 24.79
C GLN E 17 18.57 -33.61 25.92
N GLN E 18 19.09 -33.73 27.13
CA GLN E 18 18.65 -32.85 28.19
C GLN E 18 19.06 -31.45 27.88
N LEU E 19 18.17 -30.52 28.21
CA LEU E 19 18.46 -29.11 28.13
C LEU E 19 19.38 -28.69 29.28
N ASN E 20 20.21 -27.70 29.02
CA ASN E 20 21.02 -27.11 30.06
C ASN E 20 20.41 -25.76 30.31
N LEU E 21 19.43 -25.72 31.23
CA LEU E 21 18.67 -24.51 31.49
C LEU E 21 19.53 -23.26 31.74
N THR E 22 20.71 -23.44 32.32
CA THR E 22 21.63 -22.32 32.38
C THR E 22 22.27 -21.98 31.02
N GLU E 23 22.75 -22.99 30.27
CA GLU E 23 23.21 -22.80 28.86
C GLU E 23 22.18 -21.88 28.21
N LEU E 24 20.91 -22.30 28.29
CA LEU E 24 19.82 -21.68 27.54
C LEU E 24 19.48 -20.27 27.98
N GLU E 25 19.29 -20.10 29.28
CA GLU E 25 18.95 -18.79 29.83
C GLU E 25 19.98 -17.76 29.34
N ASP E 26 21.25 -18.15 29.32
CA ASP E 26 22.33 -17.26 28.93
C ASP E 26 22.24 -16.88 27.45
N PHE E 27 21.98 -17.87 26.59
CA PHE E 27 21.85 -17.61 25.16
C PHE E 27 20.69 -16.67 24.86
N ALA E 28 19.55 -16.95 25.49
CA ALA E 28 18.36 -16.12 25.37
C ALA E 28 18.62 -14.63 25.69
N ARG E 29 19.30 -14.36 26.82
CA ARG E 29 19.64 -13.00 27.24
C ARG E 29 20.61 -12.33 26.28
N GLU E 30 21.61 -13.08 25.83
CA GLU E 30 22.59 -12.57 24.88
C GLU E 30 21.91 -12.18 23.58
N LEU E 31 20.88 -12.94 23.21
CA LEU E 31 20.17 -12.74 21.95
C LEU E 31 18.92 -11.88 22.09
N ALA E 32 18.57 -11.54 23.34
CA ALA E 32 17.39 -10.74 23.62
C ALA E 32 17.51 -9.37 23.04
N TYR E 33 16.37 -8.80 22.65
CA TYR E 33 16.31 -7.39 22.23
C TYR E 33 16.99 -6.44 23.23
N GLU E 34 17.88 -5.61 22.69
CA GLU E 34 18.54 -4.55 23.44
C GLU E 34 18.45 -3.26 22.65
N GLY E 35 17.85 -2.23 23.24
CA GLY E 35 17.61 -0.98 22.54
C GLY E 35 18.85 -0.16 22.21
N LEU E 36 19.77 -0.04 23.18
CA LEU E 36 21.05 0.65 22.97
C LEU E 36 21.99 0.34 24.12
N ASP E 37 23.30 0.59 23.94
CA ASP E 37 24.34 0.41 24.96
C ASP E 37 24.67 1.81 25.45
N PRO E 38 23.94 2.29 26.46
CA PRO E 38 24.17 3.68 26.93
C PRO E 38 25.63 3.95 27.23
N ALA E 39 26.30 3.02 27.88
CA ALA E 39 27.72 3.13 28.18
C ALA E 39 28.54 3.34 26.92
N LEU E 40 28.22 2.60 25.86
CA LEU E 40 28.82 2.85 24.56
C LEU E 40 28.58 4.30 24.14
N ILE E 41 27.32 4.74 24.25
CA ILE E 41 26.95 6.10 23.86
C ILE E 41 27.65 7.24 24.63
N ILE E 42 27.54 7.22 25.96
CA ILE E 42 28.20 8.23 26.78
C ILE E 42 29.70 8.33 26.48
N LYS E 43 30.34 7.17 26.35
CA LYS E 43 31.79 7.12 26.14
C LYS E 43 32.20 7.74 24.82
N LYS E 44 31.37 7.61 23.78
CA LYS E 44 31.66 8.26 22.50
C LYS E 44 31.46 9.78 22.55
N LEU E 45 30.35 10.22 23.13
CA LEU E 45 30.11 11.64 23.31
C LEU E 45 31.22 12.31 24.12
N LYS E 46 31.79 11.60 25.09
CA LYS E 46 32.78 12.18 26.02
C LYS E 46 34.22 12.07 25.53
N GLU E 47 34.52 11.11 24.67
CA GLU E 47 35.85 11.00 24.09
C GLU E 47 36.01 12.02 22.99
N THR E 48 34.95 12.17 22.20
CA THR E 48 34.93 13.07 21.06
C THR E 48 34.64 14.51 21.46
N GLY E 49 33.75 14.68 22.44
CA GLY E 49 33.29 16.00 22.82
C GLY E 49 34.19 16.72 23.80
N GLY E 50 35.14 15.99 24.36
CA GLY E 50 36.01 16.55 25.39
C GLY E 50 35.17 17.09 26.52
N ASP E 51 34.94 18.40 26.48
CA ASP E 51 34.23 19.06 27.56
C ASP E 51 32.99 19.77 27.04
N ASP E 52 33.03 20.18 25.77
CA ASP E 52 31.83 20.70 25.09
C ASP E 52 30.74 19.62 25.15
N TRP E 53 31.16 18.37 25.37
CA TRP E 53 30.29 17.20 25.34
C TRP E 53 29.00 17.36 26.15
N VAL E 54 29.11 17.87 27.38
CA VAL E 54 27.95 18.13 28.18
C VAL E 54 26.97 19.09 27.51
N LYS E 55 27.46 20.26 27.13
CA LYS E 55 26.57 21.25 26.54
C LYS E 55 26.12 20.80 25.15
N ASP E 56 26.89 19.91 24.53
CA ASP E 56 26.52 19.44 23.21
C ASP E 56 25.40 18.44 23.34
N THR E 57 25.60 17.49 24.26
CA THR E 57 24.61 16.49 24.58
C THR E 57 23.28 17.14 24.92
N LYS E 58 23.31 18.21 25.70
CA LYS E 58 22.08 18.91 26.05
C LYS E 58 21.29 19.42 24.85
N PHE E 59 22.01 19.94 23.85
CA PHE E 59 21.40 20.43 22.61
C PHE E 59 20.79 19.31 21.77
N ILE E 60 21.54 18.22 21.59
CA ILE E 60 21.04 17.05 20.87
C ILE E 60 19.77 16.47 21.54
N ILE E 61 19.83 16.34 22.86
CA ILE E 61 18.72 15.79 23.63
C ILE E 61 17.47 16.63 23.43
N VAL E 62 17.66 17.95 23.31
CA VAL E 62 16.57 18.88 23.06
C VAL E 62 15.98 18.72 21.65
N PHE E 63 16.83 18.47 20.68
CA PHE E 63 16.32 18.24 19.33
C PHE E 63 15.55 16.91 19.27
N ALA E 64 16.12 15.88 19.90
CA ALA E 64 15.48 14.56 19.96
C ALA E 64 14.11 14.66 20.60
N LEU E 65 14.04 15.38 21.72
CA LEU E 65 12.78 15.58 22.45
C LEU E 65 11.70 16.26 21.61
N THR E 66 12.09 17.15 20.72
CA THR E 66 11.12 17.97 20.00
C THR E 66 10.96 17.66 18.52
N ARG E 67 11.98 17.06 17.89
CA ARG E 67 11.89 16.70 16.47
C ARG E 67 12.18 15.23 16.20
N GLY E 68 12.70 14.51 17.18
CA GLY E 68 12.99 13.10 16.97
C GLY E 68 14.38 12.79 16.45
N ASN E 69 14.45 12.12 15.29
CA ASN E 69 15.70 11.54 14.81
C ASN E 69 16.03 11.91 13.37
N LYS E 70 15.08 12.55 12.68
CA LYS E 70 15.25 12.83 11.25
C LYS E 70 15.99 14.15 11.03
N ILE E 71 17.31 14.10 11.27
CA ILE E 71 18.23 15.25 11.27
C ILE E 71 18.13 16.16 10.04
N VAL E 72 18.37 15.56 8.87
CA VAL E 72 18.40 16.32 7.64
C VAL E 72 17.07 17.00 7.30
N LYS E 73 15.98 16.24 7.26
CA LYS E 73 14.65 16.84 7.01
C LYS E 73 14.28 17.91 8.05
N ALA E 74 14.60 17.66 9.32
CA ALA E 74 14.26 18.64 10.35
C ALA E 74 15.06 19.92 10.18
N SER E 75 16.31 19.81 9.72
CA SER E 75 17.16 20.98 9.58
C SER E 75 16.64 21.97 8.51
N GLY E 76 15.92 21.47 7.51
CA GLY E 76 15.31 22.36 6.53
C GLY E 76 14.05 23.06 7.01
N LYS E 77 13.65 22.79 8.25
CA LYS E 77 12.39 23.29 8.76
C LYS E 77 12.55 23.73 10.21
N MET E 78 13.60 24.52 10.45
CA MET E 78 13.80 25.13 11.76
C MET E 78 14.48 26.49 11.54
N SER E 79 14.89 27.12 12.63
CA SER E 79 15.61 28.37 12.57
C SER E 79 17.00 28.12 11.97
N ASN E 80 17.58 29.19 11.43
CA ASN E 80 18.86 29.07 10.76
C ASN E 80 20.02 28.75 11.71
N SER E 81 19.98 29.31 12.90
CA SER E 81 21.03 29.07 13.87
C SER E 81 20.96 27.66 14.39
N GLY E 82 19.75 27.20 14.72
CA GLY E 82 19.57 25.86 15.23
C GLY E 82 19.91 24.81 14.20
N SER E 83 19.74 25.19 12.93
CA SER E 83 20.01 24.28 11.85
C SER E 83 21.51 24.12 11.66
N LYS E 84 22.22 25.23 11.78
CA LYS E 84 23.67 25.24 11.67
C LYS E 84 24.26 24.41 12.80
N ARG E 85 23.80 24.68 14.01
CA ARG E 85 24.27 23.95 15.20
C ARG E 85 23.94 22.46 15.14
N LEU E 86 22.82 22.12 14.50
CA LEU E 86 22.46 20.72 14.32
C LEU E 86 23.52 20.01 13.48
N MET E 87 23.69 20.48 12.24
CA MET E 87 24.62 19.89 11.29
C MET E 87 26.06 19.85 11.78
N ALA E 88 26.43 20.81 12.63
CA ALA E 88 27.78 20.80 13.20
C ALA E 88 27.95 19.63 14.16
N LEU E 89 27.06 19.55 15.13
CA LEU E 89 26.98 18.41 16.04
C LEU E 89 26.83 17.07 15.32
N GLN E 90 26.15 17.04 14.18
CA GLN E 90 26.11 15.79 13.42
C GLN E 90 27.50 15.34 12.93
N GLU E 91 28.24 16.21 12.22
CA GLU E 91 29.62 15.91 11.79
C GLU E 91 30.47 15.59 12.99
N LYS E 92 30.33 16.43 14.01
CA LYS E 92 31.17 16.31 15.19
C LYS E 92 31.04 14.95 15.91
N TYR E 93 29.86 14.35 15.88
CA TYR E 93 29.62 13.13 16.64
C TYR E 93 29.15 11.94 15.83
N GLY E 94 29.12 12.09 14.50
CA GLY E 94 28.71 11.01 13.61
C GLY E 94 27.26 10.63 13.85
N LEU E 95 26.45 11.63 14.17
CA LEU E 95 25.05 11.43 14.45
C LEU E 95 24.32 10.89 13.22
N VAL E 96 23.59 9.79 13.41
CA VAL E 96 22.83 9.24 12.30
C VAL E 96 21.35 9.28 12.62
N GLU E 97 20.53 8.97 11.63
CA GLU E 97 19.09 9.13 11.73
C GLU E 97 18.34 7.86 12.13
N ARG E 98 18.95 6.71 11.87
CA ARG E 98 18.36 5.41 12.17
C ARG E 98 19.34 4.65 13.03
N ALA E 99 18.85 3.92 14.03
CA ALA E 99 19.75 3.07 14.80
C ALA E 99 19.84 1.66 14.19
N GLU E 100 20.84 1.46 13.33
CA GLU E 100 21.06 0.18 12.62
C GLU E 100 21.99 -0.74 13.38
N THR E 101 23.16 -0.25 13.78
CA THR E 101 24.08 -1.05 14.57
C THR E 101 24.03 -0.67 16.06
N ARG E 102 24.78 -1.40 16.89
CA ARG E 102 24.93 -1.03 18.30
C ARG E 102 25.76 0.24 18.38
N LEU E 103 26.55 0.49 17.35
CA LEU E 103 27.41 1.66 17.28
C LEU E 103 26.70 2.96 16.83
N SER E 104 25.52 2.85 16.22
CA SER E 104 24.81 4.01 15.67
C SER E 104 24.39 5.00 16.76
N ILE E 105 24.83 6.25 16.64
CA ILE E 105 24.44 7.27 17.62
C ILE E 105 23.33 8.18 17.11
N THR E 106 22.11 7.90 17.55
CA THR E 106 20.97 8.72 17.20
C THR E 106 20.69 9.70 18.34
N PRO E 107 20.18 10.88 17.99
CA PRO E 107 19.71 11.79 19.04
C PRO E 107 18.80 11.09 20.07
N VAL E 108 17.79 10.35 19.62
CA VAL E 108 16.90 9.68 20.56
C VAL E 108 17.66 8.70 21.48
N ARG E 109 18.62 7.98 20.91
CA ARG E 109 19.51 7.12 21.71
C ARG E 109 20.31 7.92 22.74
N VAL E 110 20.89 9.04 22.31
CA VAL E 110 21.65 9.90 23.22
C VAL E 110 20.76 10.28 24.38
N ALA E 111 19.54 10.72 24.06
CA ALA E 111 18.55 11.09 25.06
C ALA E 111 18.27 9.94 26.03
N GLN E 112 18.05 8.75 25.50
CA GLN E 112 17.82 7.57 26.33
C GLN E 112 18.99 7.26 27.26
N SER E 113 20.18 7.67 26.87
CA SER E 113 21.36 7.31 27.65
C SER E 113 21.50 8.18 28.89
N LEU E 114 20.70 9.24 28.97
CA LEU E 114 20.74 10.13 30.12
C LEU E 114 19.35 10.43 30.65
N PRO E 115 18.58 9.39 30.99
CA PRO E 115 17.12 9.52 31.12
C PRO E 115 16.65 10.48 32.19
N THR E 116 17.43 10.71 33.25
CA THR E 116 16.91 11.56 34.32
C THR E 116 17.00 13.00 33.92
N TRP E 117 18.11 13.35 33.27
CA TRP E 117 18.20 14.66 32.67
C TRP E 117 17.10 14.84 31.61
N THR E 118 17.02 13.87 30.69
CA THR E 118 16.09 13.96 29.57
C THR E 118 14.63 14.14 29.99
N CYS E 119 14.19 13.34 30.95
CA CYS E 119 12.80 13.46 31.43
C CYS E 119 12.57 14.77 32.16
N ALA E 120 13.56 15.18 32.97
CA ALA E 120 13.53 16.49 33.62
C ALA E 120 13.33 17.59 32.59
N ALA E 121 14.23 17.67 31.62
CA ALA E 121 14.16 18.71 30.60
C ALA E 121 12.96 18.54 29.67
N ALA E 122 12.32 17.39 29.67
CA ALA E 122 11.15 17.21 28.84
C ALA E 122 9.96 17.87 29.54
N ALA E 123 9.97 17.85 30.86
CA ALA E 123 8.87 18.38 31.62
C ALA E 123 8.93 19.91 31.50
N ALA E 124 10.14 20.44 31.58
CA ALA E 124 10.35 21.85 31.33
C ALA E 124 9.88 22.25 29.93
N LEU E 125 10.09 21.37 28.95
CA LEU E 125 9.81 21.69 27.56
C LEU E 125 8.49 21.11 27.10
N LYS E 126 7.57 20.90 28.05
CA LYS E 126 6.33 20.21 27.78
C LYS E 126 5.55 20.84 26.64
N GLU E 127 5.60 22.15 26.52
CA GLU E 127 4.86 22.82 25.44
C GLU E 127 5.50 22.65 24.04
N TYR E 128 6.69 22.08 23.98
CA TYR E 128 7.43 21.92 22.72
C TYR E 128 7.44 20.48 22.24
N LEU E 129 6.88 19.59 23.04
CA LEU E 129 6.95 18.17 22.75
C LEU E 129 5.92 17.83 21.68
N PRO E 130 6.30 16.96 20.73
CA PRO E 130 5.42 16.55 19.63
C PRO E 130 4.11 16.09 20.20
N VAL E 131 4.20 15.25 21.23
CA VAL E 131 3.06 14.73 21.96
C VAL E 131 3.18 15.17 23.42
N GLY E 132 2.49 16.26 23.76
CA GLY E 132 2.62 16.86 25.07
C GLY E 132 1.27 17.03 25.74
N PRO E 133 1.16 18.00 26.65
CA PRO E 133 0.00 18.15 27.54
C PRO E 133 -1.38 18.27 26.86
N ALA E 134 -1.48 18.88 25.69
CA ALA E 134 -2.75 18.92 24.95
C ALA E 134 -3.34 17.53 24.74
N VAL E 135 -2.53 16.62 24.21
CA VAL E 135 -2.99 15.27 23.92
C VAL E 135 -3.23 14.46 25.19
N MET E 136 -2.35 14.62 26.17
CA MET E 136 -2.47 13.90 27.45
C MET E 136 -3.62 14.38 28.35
N ASN E 137 -4.08 15.59 28.12
CA ASN E 137 -5.15 16.15 28.92
C ASN E 137 -6.54 15.79 28.38
N LEU E 138 -6.61 15.43 27.11
CA LEU E 138 -7.84 14.91 26.53
C LEU E 138 -8.03 13.45 26.92
N LYS E 139 -7.08 12.90 27.68
CA LYS E 139 -7.11 11.50 28.05
C LYS E 139 -7.20 11.31 29.55
N VAL E 140 -6.49 12.19 30.28
CA VAL E 140 -6.31 12.03 31.71
C VAL E 140 -6.03 13.37 32.37
N GLU E 141 -6.51 13.53 33.59
CA GLU E 141 -6.21 14.69 34.40
C GLU E 141 -4.78 14.56 34.88
N ASN E 142 -3.98 15.60 34.68
CA ASN E 142 -2.64 15.68 35.26
C ASN E 142 -1.65 14.62 34.81
N TYR E 143 -1.54 14.35 33.51
CA TYR E 143 -0.53 13.38 33.09
C TYR E 143 0.88 13.87 33.43
N PRO E 144 1.65 13.05 34.18
CA PRO E 144 3.00 13.42 34.61
C PRO E 144 3.85 13.78 33.40
N PRO E 145 4.32 15.03 33.34
CA PRO E 145 5.04 15.51 32.16
C PRO E 145 6.37 14.79 31.94
N GLU E 146 7.02 14.35 33.01
CA GLU E 146 8.28 13.63 32.92
C GLU E 146 8.17 12.35 32.08
N MET E 147 6.93 11.89 31.93
CA MET E 147 6.65 10.67 31.20
C MET E 147 6.53 10.88 29.70
N MET E 148 6.40 12.12 29.26
CA MET E 148 6.11 12.36 27.84
C MET E 148 7.35 12.31 26.94
N CYS E 149 8.10 11.22 27.04
CA CYS E 149 9.31 11.03 26.27
C CYS E 149 9.76 9.55 26.23
N MET E 150 10.55 9.17 25.23
CA MET E 150 11.09 7.82 25.08
C MET E 150 12.01 7.34 26.23
N ALA E 151 12.48 8.28 27.04
CA ALA E 151 13.48 7.97 28.05
C ALA E 151 12.85 7.57 29.37
N PHE E 152 11.56 7.85 29.53
CA PHE E 152 10.91 7.58 30.80
C PHE E 152 10.81 6.10 31.14
N GLY E 153 10.64 5.27 30.12
CA GLY E 153 10.67 3.81 30.28
C GLY E 153 11.84 3.28 31.10
N SER E 154 13.04 3.80 30.88
CA SER E 154 14.23 3.41 31.64
C SER E 154 14.17 3.77 33.11
N LEU E 155 13.27 4.69 33.47
CA LEU E 155 13.19 5.23 34.82
C LEU E 155 12.21 4.46 35.72
N ILE E 156 11.33 3.69 35.09
CA ILE E 156 10.50 2.72 35.80
C ILE E 156 11.38 1.67 36.48
N PRO E 157 11.24 1.50 37.81
CA PRO E 157 12.10 0.56 38.51
C PRO E 157 11.50 -0.85 38.69
N THR E 158 12.38 -1.82 38.87
CA THR E 158 11.97 -3.20 39.12
C THR E 158 12.46 -3.64 40.48
N ALA E 159 13.03 -2.72 41.23
CA ALA E 159 13.70 -3.08 42.47
C ALA E 159 13.62 -1.97 43.50
N GLY E 160 12.86 -2.22 44.57
CA GLY E 160 12.69 -1.25 45.63
C GLY E 160 11.24 -0.78 45.68
N VAL E 161 10.41 -1.41 44.86
CA VAL E 161 8.99 -1.14 44.85
C VAL E 161 8.29 -2.45 44.60
N SER E 162 7.00 -2.50 44.92
CA SER E 162 6.20 -3.70 44.69
C SER E 162 6.15 -4.00 43.19
N GLU E 163 5.81 -5.22 42.82
CA GLU E 163 5.73 -5.57 41.40
C GLU E 163 4.37 -5.16 40.83
N ALA E 164 3.56 -4.51 41.65
CA ALA E 164 2.27 -4.01 41.22
C ALA E 164 2.45 -2.54 40.91
N THR E 165 3.29 -1.90 41.72
CA THR E 165 3.79 -0.55 41.43
C THR E 165 4.35 -0.51 40.00
N THR E 166 5.28 -1.40 39.70
CA THR E 166 5.90 -1.52 38.38
C THR E 166 4.88 -1.70 37.23
N LYS E 167 3.91 -2.60 37.40
CA LYS E 167 2.88 -2.77 36.37
C LYS E 167 2.07 -1.48 36.13
N THR E 168 1.68 -0.81 37.21
CA THR E 168 0.95 0.44 37.10
C THR E 168 1.78 1.47 36.34
N LEU E 169 3.04 1.63 36.76
CA LEU E 169 3.95 2.58 36.12
C LEU E 169 4.13 2.29 34.63
N MET E 170 4.05 1.02 34.26
CA MET E 170 4.17 0.69 32.85
C MET E 170 2.87 0.97 32.14
N GLU E 171 1.77 0.85 32.87
CA GLU E 171 0.46 1.08 32.26
C GLU E 171 0.15 2.56 32.07
N ALA E 172 0.53 3.36 33.06
CA ALA E 172 0.43 4.82 32.95
C ALA E 172 1.19 5.28 31.72
N TYR E 173 2.46 4.86 31.67
CA TYR E 173 3.37 5.23 30.60
C TYR E 173 2.89 4.80 29.21
N SER E 174 2.19 3.67 29.12
CA SER E 174 1.74 3.15 27.82
C SER E 174 0.71 4.08 27.18
N LEU E 175 0.10 4.92 28.00
CA LEU E 175 -0.92 5.84 27.55
C LEU E 175 -0.29 6.83 26.59
N TRP E 176 0.88 7.34 26.99
CA TRP E 176 1.65 8.24 26.15
C TRP E 176 2.26 7.50 24.98
N GLN E 177 2.90 6.37 25.27
CA GLN E 177 3.51 5.52 24.26
C GLN E 177 2.56 5.24 23.09
N ASP E 178 1.34 4.84 23.44
CA ASP E 178 0.31 4.55 22.47
C ASP E 178 -0.05 5.82 21.68
N ALA E 179 -0.11 6.95 22.39
CA ALA E 179 -0.51 8.19 21.76
C ALA E 179 0.57 8.64 20.81
N PHE E 180 1.82 8.48 21.24
CA PHE E 180 2.93 8.89 20.41
C PHE E 180 2.92 8.18 19.07
N THR E 181 2.92 6.86 19.09
CA THR E 181 2.96 6.08 17.86
C THR E 181 1.77 6.38 16.94
N LYS E 182 0.59 6.57 17.52
CA LYS E 182 -0.57 6.86 16.70
C LYS E 182 -0.45 8.23 16.06
N THR E 183 0.00 9.20 16.86
CA THR E 183 0.18 10.57 16.43
C THR E 183 1.22 10.72 15.32
N ILE E 184 2.32 9.99 15.45
CA ILE E 184 3.49 10.25 14.64
C ILE E 184 3.73 9.22 13.52
N ASN E 185 3.45 7.96 13.80
CA ASN E 185 3.71 6.90 12.85
C ASN E 185 2.57 6.67 11.86
N VAL E 186 2.80 7.08 10.60
CA VAL E 186 1.82 7.03 9.52
C VAL E 186 1.32 5.62 9.24
N LYS E 187 2.14 4.64 9.61
CA LYS E 187 1.81 3.24 9.42
C LYS E 187 0.77 2.76 10.43
N MET E 188 0.99 3.12 11.70
CA MET E 188 0.11 2.74 12.81
C MET E 188 -1.31 3.29 12.69
N ARG E 189 -1.50 4.23 11.78
CA ARG E 189 -2.79 4.89 11.64
C ARG E 189 -3.88 3.88 11.29
N GLY E 190 -4.94 3.87 12.09
CA GLY E 190 -6.02 2.94 11.87
C GLY E 190 -5.61 1.53 12.20
N ALA E 191 -4.89 1.39 13.31
CA ALA E 191 -4.53 0.07 13.83
C ALA E 191 -5.16 -0.17 15.21
N SER E 192 -5.20 -1.42 15.64
CA SER E 192 -5.78 -1.74 16.92
C SER E 192 -4.87 -1.35 18.06
N LYS E 193 -5.43 -1.31 19.27
CA LYS E 193 -4.68 -1.02 20.47
C LYS E 193 -3.56 -2.04 20.69
N THR E 194 -3.86 -3.31 20.45
CA THR E 194 -2.88 -4.37 20.59
C THR E 194 -1.78 -4.23 19.55
N GLU E 195 -2.19 -3.97 18.31
CA GLU E 195 -1.26 -3.75 17.20
C GLU E 195 -0.29 -2.62 17.54
N VAL E 196 -0.77 -1.66 18.32
CA VAL E 196 0.04 -0.53 18.76
C VAL E 196 0.99 -0.94 19.88
N TYR E 197 0.43 -1.59 20.91
CA TYR E 197 1.22 -2.10 22.02
C TYR E 197 2.43 -2.96 21.58
N ASN E 198 2.26 -3.74 20.51
CA ASN E 198 3.34 -4.66 20.11
C ASN E 198 4.59 -3.96 19.61
N SER E 199 4.40 -2.95 18.77
CA SER E 199 5.50 -2.16 18.22
C SER E 199 6.37 -1.48 19.28
N PHE E 200 5.91 -1.38 20.53
CA PHE E 200 6.77 -0.88 21.59
C PHE E 200 6.94 -1.78 22.83
N ARG E 201 6.29 -2.95 22.83
CA ARG E 201 6.43 -3.92 23.93
C ARG E 201 7.89 -4.29 24.15
N ASP E 202 8.59 -4.58 23.06
CA ASP E 202 9.97 -5.05 23.20
C ASP E 202 10.93 -3.96 23.74
N PRO E 203 10.99 -2.78 23.10
CA PRO E 203 11.91 -1.76 23.64
C PRO E 203 11.58 -1.31 25.07
N LEU E 204 10.29 -1.20 25.40
CA LEU E 204 9.85 -0.95 26.77
C LEU E 204 10.39 -1.97 27.78
N HIS E 205 10.11 -3.26 27.56
CA HIS E 205 10.59 -4.27 28.49
C HIS E 205 12.11 -4.28 28.61
N ALA E 206 12.82 -3.85 27.57
CA ALA E 206 14.27 -3.84 27.62
C ALA E 206 14.72 -2.68 28.48
N ALA E 207 13.99 -1.58 28.41
CA ALA E 207 14.38 -0.40 29.14
C ALA E 207 14.09 -0.60 30.61
N VAL E 208 12.88 -1.06 30.90
CA VAL E 208 12.44 -1.24 32.26
C VAL E 208 13.34 -2.25 32.91
N ASN E 209 13.78 -3.20 32.10
CA ASN E 209 14.60 -4.28 32.61
C ASN E 209 16.10 -4.12 32.49
N SER E 210 16.57 -2.95 32.05
CA SER E 210 18.01 -2.74 31.97
C SER E 210 18.66 -2.62 33.34
N VAL E 211 19.97 -2.85 33.40
CA VAL E 211 20.70 -2.77 34.66
C VAL E 211 21.70 -1.61 34.71
N PHE E 212 21.77 -0.82 33.64
CA PHE E 212 22.69 0.29 33.59
C PHE E 212 22.32 1.37 34.61
N PHE E 213 21.13 1.95 34.47
CA PHE E 213 20.66 2.97 35.40
C PHE E 213 19.98 2.31 36.61
N PRO E 214 20.58 2.46 37.80
CA PRO E 214 20.26 1.68 39.00
C PRO E 214 18.86 1.94 39.54
N ASN E 215 18.20 0.91 40.01
CA ASN E 215 16.85 1.05 40.52
C ASN E 215 16.75 1.96 41.74
N ASP E 216 17.78 1.98 42.58
CA ASP E 216 17.73 2.85 43.76
C ASP E 216 17.57 4.32 43.34
N VAL E 217 18.32 4.71 42.31
CA VAL E 217 18.26 6.08 41.80
C VAL E 217 16.95 6.38 41.09
N ARG E 218 16.48 5.44 40.28
CA ARG E 218 15.16 5.57 39.66
C ARG E 218 14.10 5.88 40.71
N VAL E 219 14.06 5.06 41.76
CA VAL E 219 13.07 5.21 42.81
C VAL E 219 13.17 6.59 43.53
N LYS E 220 14.38 6.94 43.94
CA LYS E 220 14.60 8.17 44.69
C LYS E 220 14.23 9.39 43.87
N TRP E 221 14.49 9.31 42.56
CA TRP E 221 14.16 10.37 41.63
C TRP E 221 12.64 10.53 41.52
N LEU E 222 11.96 9.43 41.23
CA LEU E 222 10.50 9.41 41.10
C LEU E 222 9.80 9.91 42.38
N LYS E 223 10.47 9.73 43.51
CA LYS E 223 10.00 10.30 44.77
C LYS E 223 10.07 11.81 44.72
N ALA E 224 11.21 12.32 44.27
CA ALA E 224 11.44 13.75 44.18
C ALA E 224 10.50 14.43 43.19
N LYS E 225 9.97 13.66 42.25
CA LYS E 225 9.05 14.17 41.23
C LYS E 225 7.60 13.85 41.56
N GLY E 226 7.39 13.21 42.72
CA GLY E 226 6.08 12.77 43.14
C GLY E 226 5.36 11.82 42.20
N ILE E 227 6.09 11.09 41.36
CA ILE E 227 5.46 10.05 40.54
C ILE E 227 5.27 8.83 41.43
N LEU E 228 6.03 8.80 42.51
CA LEU E 228 5.76 7.90 43.60
C LEU E 228 5.67 8.73 44.88
N GLY E 229 4.69 8.42 45.72
CA GLY E 229 4.57 9.05 47.02
C GLY E 229 5.69 8.53 47.90
N PRO E 230 5.80 9.09 49.12
CA PRO E 230 6.87 8.69 50.05
C PRO E 230 6.84 7.20 50.38
N ASP E 231 5.67 6.59 50.36
CA ASP E 231 5.52 5.17 50.69
C ASP E 231 6.23 4.24 49.71
N GLY E 232 6.28 4.63 48.43
CA GLY E 232 6.89 3.83 47.39
C GLY E 232 5.84 3.33 46.43
N VAL E 233 4.70 4.02 46.39
CA VAL E 233 3.56 3.62 45.56
C VAL E 233 3.17 4.78 44.64
N PRO E 234 2.54 4.48 43.49
CA PRO E 234 2.14 5.48 42.49
C PRO E 234 1.45 6.76 43.01
N SER E 235 1.25 7.69 42.10
CA SER E 235 0.54 8.92 42.39
C SER E 235 -0.89 8.71 41.93
N ARG E 236 -1.78 9.60 42.35
CA ARG E 236 -3.15 9.62 41.85
C ARG E 236 -3.11 9.54 40.33
N ALA E 237 -2.31 10.41 39.73
CA ALA E 237 -2.26 10.56 38.27
C ALA E 237 -1.76 9.30 37.59
N ALA E 238 -0.69 8.73 38.12
CA ALA E 238 -0.19 7.48 37.61
C ALA E 238 -1.32 6.44 37.63
N GLU E 239 -1.98 6.30 38.78
CA GLU E 239 -3.08 5.34 38.97
C GLU E 239 -4.25 5.52 37.99
N VAL E 240 -4.68 6.77 37.81
CA VAL E 240 -5.74 7.09 36.85
C VAL E 240 -5.26 6.92 35.39
N ALA E 241 -4.01 7.30 35.12
CA ALA E 241 -3.42 7.17 33.80
C ALA E 241 -3.28 5.69 33.45
N ALA E 242 -2.84 4.92 34.43
CA ALA E 242 -2.82 3.46 34.32
C ALA E 242 -4.19 2.92 33.94
N ALA E 243 -5.20 3.30 34.73
CA ALA E 243 -6.55 2.82 34.52
C ALA E 243 -7.11 3.22 33.15
N ALA E 244 -6.73 4.41 32.72
CA ALA E 244 -7.22 4.94 31.45
C ALA E 244 -6.61 4.24 30.24
N TYR E 245 -5.34 3.84 30.35
CA TYR E 245 -4.74 3.02 29.30
C TYR E 245 -5.43 1.65 29.25
N ARG E 246 -5.63 1.05 30.43
CA ARG E 246 -6.31 -0.24 30.54
C ARG E 246 -7.66 -0.26 29.85
N ASN E 247 -8.48 0.78 30.07
CA ASN E 247 -9.80 0.87 29.44
C ASN E 247 -9.74 1.20 27.93
N LEU E 248 -8.94 0.43 27.18
CA LEU E 248 -8.77 0.61 25.73
C LEU E 248 -8.32 2.03 25.38
#